data_9J7D
#
_entry.id   9J7D
#
loop_
_entity.id
_entity.type
_entity.pdbx_description
1 polymer 'Urea-proton symporter DUR3'
2 non-polymer 'CHOLESTEROL HEMISUCCINATE'
3 non-polymer TETRADECANE
4 non-polymer HEXADECANE
5 water water
#
_entity_poly.entity_id   1
_entity_poly.type   'polypeptide(L)'
_entity_poly.pdbx_seq_one_letter_code
;MATCPPFDFSTKYYDGDGGCQRQSSFFGGTTVLDQGVGYAVILGFGAFFAVFTSFLVWLEKRYVGARHTSEWFNTAGRNV
KTGLIASVIVSQWTWAATILQSSNVAWQYGVSGPFWYASGATIQVLLFGVMAIEIKRKAPNAHTVCEIVKARWGTATHIV
FLVFCLATNVVVTAMLLLGGSAVVNALTGVNLYAASFLIPLGVVVYTLAGGLKATFLASYVHSVIVHVALVVFVFLVYTS
SKELGSPSVVYDRLKDMVAKSRSCTEPLSHHGQACGPVDGNFRGSYLTMLSSGGAVFGLINIVGNFGTVFVDNGYWVSAI
AARPSSTHKGYLLGGLVWFAVPFSLATSLGLGALALDLPISKDEADRGLVPPATAIALMGKSGSLLLLTMLFMAVTSAGS
SELIAVSSLFTYDIYRTYINPRATGRQILKISRCAVLGFGCFMGILAVVLNKAGVSLGWMYLAMGVLIGSAVIPIAFMLL
WSKANAFGAILGATSGCVFGIITWLTTAKTQYGRVDLDSTGKNGPMLAGNLVAILTGGLIHAVCSLVRPQNYDWSTTREI
KVVEAYASGDEDVDVPAEELREEKLRRAKAWIVKWGLVFTILIVVIWPVLSLPARVFSRGYFWFWAIVAIAWGTIGSIVI
IGLPLVESWDTIKSVCMGMFTNDRVMKKLDDLNHRLRALTMAVPEAEKIYLLELEKTKKNDEEG
;
_entity_poly.pdbx_strand_id   A,B
#
loop_
_chem_comp.id
_chem_comp.type
_chem_comp.name
_chem_comp.formula
C14 non-polymer TETRADECANE 'C14 H30'
R16 non-polymer HEXADECANE 'C16 H34'
Y01 non-polymer 'CHOLESTEROL HEMISUCCINATE' 'C31 H50 O4'
#
# COMPACT_ATOMS: atom_id res chain seq x y z
N PRO A 5 46.47 -6.58 -9.75
CA PRO A 5 45.30 -7.36 -10.18
C PRO A 5 44.52 -7.93 -9.01
N PRO A 6 43.53 -7.19 -8.52
CA PRO A 6 42.74 -7.68 -7.37
C PRO A 6 42.01 -8.98 -7.65
N PHE A 7 41.59 -9.22 -8.88
CA PHE A 7 40.81 -10.40 -9.23
C PHE A 7 41.52 -11.19 -10.33
N ASP A 8 41.35 -12.52 -10.28
CA ASP A 8 41.96 -13.39 -11.27
C ASP A 8 41.24 -13.36 -12.61
N PHE A 9 39.92 -13.15 -12.59
CA PHE A 9 39.11 -13.23 -13.80
C PHE A 9 39.09 -11.94 -14.60
N SER A 10 39.66 -10.85 -14.08
CA SER A 10 39.63 -9.56 -14.74
C SER A 10 41.03 -8.96 -14.82
N THR A 11 42.03 -9.78 -15.14
CA THR A 11 43.40 -9.30 -15.17
C THR A 11 43.67 -8.45 -16.41
N LYS A 12 42.96 -8.70 -17.51
CA LYS A 12 43.23 -7.99 -18.76
C LYS A 12 42.84 -6.52 -18.71
N TYR A 13 42.11 -6.08 -17.68
CA TYR A 13 41.68 -4.69 -17.56
C TYR A 13 42.59 -3.88 -16.65
N TYR A 14 43.68 -4.46 -16.16
CA TYR A 14 44.59 -3.74 -15.27
C TYR A 14 45.97 -3.59 -15.88
N ARG A 22 41.70 -0.30 -13.01
CA ARG A 22 42.70 0.69 -13.40
C ARG A 22 42.25 1.44 -14.65
N GLN A 23 41.68 0.71 -15.60
CA GLN A 23 41.14 1.32 -16.80
C GLN A 23 39.98 2.25 -16.45
N SER A 24 39.96 3.42 -17.07
CA SER A 24 38.94 4.42 -16.77
C SER A 24 37.69 4.28 -17.61
N SER A 25 37.70 3.45 -18.64
CA SER A 25 36.56 3.33 -19.53
C SER A 25 36.65 2.00 -20.28
N PHE A 26 35.50 1.55 -20.78
CA PHE A 26 35.47 0.29 -21.53
C PHE A 26 35.78 0.52 -23.00
N PHE A 27 35.15 1.52 -23.61
CA PHE A 27 35.34 1.84 -25.02
C PHE A 27 36.37 2.97 -25.12
N GLY A 28 37.58 2.62 -25.56
CA GLY A 28 38.63 3.60 -25.71
C GLY A 28 39.47 3.41 -26.96
N GLY A 29 38.85 2.86 -28.00
CA GLY A 29 39.53 2.59 -29.26
C GLY A 29 39.51 1.11 -29.60
N THR A 30 39.99 0.83 -30.81
CA THR A 30 40.04 -0.53 -31.36
C THR A 30 38.65 -1.16 -31.39
N THR A 31 37.79 -0.56 -32.20
CA THR A 31 36.40 -0.97 -32.28
C THR A 31 36.29 -2.41 -32.79
N VAL A 32 35.22 -3.08 -32.37
CA VAL A 32 35.01 -4.48 -32.74
C VAL A 32 34.73 -4.60 -34.23
N LEU A 33 33.89 -3.72 -34.76
CA LEU A 33 33.52 -3.73 -36.17
C LEU A 33 34.09 -2.49 -36.87
N ASP A 34 33.95 -2.46 -38.19
CA ASP A 34 34.46 -1.37 -39.00
C ASP A 34 33.34 -0.38 -39.34
N GLN A 35 33.73 0.75 -39.93
CA GLN A 35 32.78 1.82 -40.22
C GLN A 35 31.82 1.45 -41.34
N GLY A 36 32.20 0.55 -42.24
CA GLY A 36 31.30 0.16 -43.31
C GLY A 36 30.03 -0.48 -42.80
N VAL A 37 30.15 -1.36 -41.80
CA VAL A 37 28.97 -1.99 -41.22
C VAL A 37 28.10 -0.95 -40.54
N GLY A 38 28.71 0.03 -39.86
CA GLY A 38 27.93 1.07 -39.22
C GLY A 38 27.14 1.90 -40.21
N TYR A 39 27.81 2.33 -41.29
CA TYR A 39 27.11 3.10 -42.32
C TYR A 39 26.00 2.28 -42.97
N ALA A 40 26.27 1.01 -43.26
CA ALA A 40 25.25 0.15 -43.85
C ALA A 40 24.04 0.02 -42.93
N VAL A 41 24.28 -0.20 -41.64
CA VAL A 41 23.18 -0.36 -40.69
C VAL A 41 22.38 0.93 -40.59
N ILE A 42 23.05 2.09 -40.49
CA ILE A 42 22.34 3.34 -40.32
C ILE A 42 21.71 3.85 -41.60
N LEU A 43 22.04 3.28 -42.77
CA LEU A 43 21.47 3.72 -44.03
C LEU A 43 20.43 2.76 -44.58
N GLY A 44 20.78 1.49 -44.79
CA GLY A 44 19.92 0.58 -45.53
C GLY A 44 18.86 -0.16 -44.75
N PHE A 45 18.79 0.02 -43.42
CA PHE A 45 17.77 -0.69 -42.65
C PHE A 45 16.36 -0.29 -43.07
N GLY A 46 16.14 1.01 -43.25
CA GLY A 46 14.82 1.49 -43.65
C GLY A 46 14.41 0.95 -45.01
N ALA A 47 15.30 1.01 -45.98
CA ALA A 47 15.00 0.50 -47.32
C ALA A 47 14.75 -1.00 -47.29
N PHE A 48 15.57 -1.74 -46.55
CA PHE A 48 15.41 -3.19 -46.46
C PHE A 48 14.05 -3.54 -45.89
N PHE A 49 13.64 -2.89 -44.79
CA PHE A 49 12.35 -3.31 -44.21
C PHE A 49 11.20 -2.75 -45.06
N ALA A 50 11.40 -1.61 -45.74
CA ALA A 50 10.36 -1.15 -46.64
C ALA A 50 10.09 -2.17 -47.74
N VAL A 51 11.15 -2.72 -48.33
CA VAL A 51 10.98 -3.77 -49.34
C VAL A 51 10.33 -5.01 -48.72
N PHE A 52 10.76 -5.37 -47.51
CA PHE A 52 10.17 -6.52 -46.84
C PHE A 52 8.69 -6.32 -46.55
N THR A 53 8.31 -5.12 -46.13
CA THR A 53 6.89 -4.84 -45.86
C THR A 53 6.09 -4.82 -47.16
N SER A 54 6.69 -4.34 -48.26
CA SER A 54 6.01 -4.41 -49.54
C SER A 54 5.74 -5.86 -49.94
N PHE A 55 6.74 -6.73 -49.77
CA PHE A 55 6.53 -8.14 -50.06
C PHE A 55 5.49 -8.76 -49.12
N LEU A 56 5.50 -8.35 -47.85
CA LEU A 56 4.51 -8.85 -46.90
C LEU A 56 3.10 -8.45 -47.30
N VAL A 57 2.92 -7.20 -47.74
CA VAL A 57 1.62 -6.76 -48.21
C VAL A 57 1.20 -7.52 -49.46
N TRP A 58 2.15 -7.75 -50.37
CA TRP A 58 1.84 -8.48 -51.60
C TRP A 58 1.39 -9.90 -51.29
N LEU A 59 2.06 -10.58 -50.36
CA LEU A 59 1.67 -11.94 -50.03
C LEU A 59 0.38 -11.96 -49.19
N GLU A 60 0.13 -10.90 -48.42
CA GLU A 60 -1.12 -10.82 -47.68
C GLU A 60 -2.32 -10.71 -48.61
N LYS A 61 -2.19 -9.93 -49.68
CA LYS A 61 -3.27 -9.76 -50.64
C LYS A 61 -3.27 -10.90 -51.66
N THR A 82 -6.63 -13.01 -30.42
CA THR A 82 -6.07 -12.50 -29.17
C THR A 82 -4.56 -12.67 -29.14
N GLY A 83 -4.00 -13.19 -30.23
CA GLY A 83 -2.56 -13.35 -30.34
C GLY A 83 -1.92 -12.31 -31.25
N LEU A 84 -2.61 -11.98 -32.33
CA LEU A 84 -2.12 -10.94 -33.22
C LEU A 84 -2.25 -9.56 -32.57
N ILE A 85 -3.33 -9.35 -31.81
CA ILE A 85 -3.51 -8.09 -31.10
C ILE A 85 -2.43 -7.93 -30.04
N ALA A 86 -2.09 -9.01 -29.34
CA ALA A 86 -1.03 -8.95 -28.34
C ALA A 86 0.30 -8.60 -28.99
N SER A 87 0.60 -9.21 -30.15
CA SER A 87 1.84 -8.90 -30.85
C SER A 87 1.87 -7.45 -31.31
N VAL A 88 0.71 -6.92 -31.74
CA VAL A 88 0.64 -5.52 -32.10
C VAL A 88 0.91 -4.64 -30.89
N ILE A 89 0.32 -4.97 -29.74
CA ILE A 89 0.50 -4.14 -28.51
C ILE A 89 1.98 -4.15 -28.12
N VAL A 90 2.62 -5.32 -28.14
CA VAL A 90 4.01 -5.40 -27.69
C VAL A 90 4.91 -4.56 -28.61
N SER A 91 4.61 -4.52 -29.90
CA SER A 91 5.52 -3.89 -30.86
C SER A 91 5.56 -2.36 -30.69
N GLN A 92 4.49 -1.76 -30.19
CA GLN A 92 4.44 -0.31 -30.03
C GLN A 92 4.87 0.17 -28.65
N TRP A 93 5.31 -0.73 -27.77
CA TRP A 93 5.71 -0.36 -26.43
C TRP A 93 7.20 -0.56 -26.16
N THR A 94 7.93 -1.16 -27.09
CA THR A 94 9.36 -1.39 -26.93
C THR A 94 10.12 -0.25 -27.61
N TRP A 95 10.74 0.61 -26.81
CA TRP A 95 11.50 1.75 -27.28
C TRP A 95 12.98 1.46 -27.10
N ALA A 96 13.82 2.45 -27.42
CA ALA A 96 15.25 2.32 -27.16
C ALA A 96 15.57 2.37 -25.68
N ALA A 97 14.72 3.00 -24.87
CA ALA A 97 14.96 3.04 -23.43
C ALA A 97 14.64 1.71 -22.76
N THR A 98 13.75 0.92 -23.35
CA THR A 98 13.40 -0.38 -22.77
C THR A 98 14.60 -1.31 -22.73
N ILE A 99 15.56 -1.10 -23.62
CA ILE A 99 16.76 -1.94 -23.70
C ILE A 99 17.93 -1.31 -22.94
N LEU A 100 18.21 -0.04 -23.20
CA LEU A 100 19.41 0.61 -22.69
C LEU A 100 19.22 1.16 -21.28
N GLN A 101 18.06 1.75 -20.98
CA GLN A 101 17.85 2.37 -19.69
C GLN A 101 17.59 1.36 -18.58
N SER A 102 16.92 0.24 -18.91
CA SER A 102 16.61 -0.75 -17.89
C SER A 102 17.87 -1.42 -17.35
N SER A 103 18.90 -1.56 -18.18
CA SER A 103 20.18 -2.08 -17.71
C SER A 103 21.02 -1.02 -17.01
N ASN A 104 20.71 0.26 -17.22
CA ASN A 104 21.43 1.32 -16.53
C ASN A 104 21.13 1.31 -15.03
N VAL A 105 19.87 1.09 -14.67
CA VAL A 105 19.45 1.10 -13.28
C VAL A 105 19.61 -0.30 -12.69
N ALA A 106 20.19 -1.21 -13.46
CA ALA A 106 20.63 -2.51 -12.96
C ALA A 106 22.10 -2.52 -12.60
N TRP A 107 22.92 -1.81 -13.38
CA TRP A 107 24.32 -1.60 -13.00
C TRP A 107 24.42 -0.84 -11.69
N GLN A 108 23.45 0.02 -11.40
CA GLN A 108 23.27 0.62 -10.09
C GLN A 108 22.14 -0.10 -9.36
N TYR A 109 22.16 -0.04 -8.03
CA TYR A 109 21.08 -0.52 -7.18
C TYR A 109 20.90 -2.04 -7.23
N GLY A 110 21.65 -2.72 -8.09
CA GLY A 110 21.59 -4.16 -8.17
C GLY A 110 20.30 -4.76 -8.68
N VAL A 111 19.56 -5.41 -7.78
CA VAL A 111 18.47 -6.30 -8.19
C VAL A 111 17.12 -5.60 -8.33
N SER A 112 16.92 -4.46 -7.68
CA SER A 112 15.63 -3.79 -7.68
C SER A 112 15.39 -2.90 -8.90
N GLY A 113 16.43 -2.57 -9.65
CA GLY A 113 16.31 -1.67 -10.77
C GLY A 113 15.45 -2.20 -11.91
N PRO A 114 15.76 -3.41 -12.39
CA PRO A 114 14.89 -4.02 -13.41
C PRO A 114 13.45 -4.16 -12.97
N PHE A 115 13.21 -4.51 -11.70
CA PHE A 115 11.85 -4.65 -11.21
C PHE A 115 11.12 -3.32 -11.21
N TRP A 116 11.78 -2.27 -10.71
CA TRP A 116 11.12 -0.96 -10.65
C TRP A 116 10.94 -0.36 -12.05
N TYR A 117 11.79 -0.73 -13.01
CA TYR A 117 11.57 -0.27 -14.37
C TYR A 117 10.40 -1.01 -15.01
N ALA A 118 10.35 -2.34 -14.85
CA ALA A 118 9.32 -3.14 -15.50
C ALA A 118 7.96 -2.98 -14.85
N SER A 119 7.88 -2.36 -13.67
CA SER A 119 6.58 -2.25 -12.94
C SER A 119 5.64 -1.25 -13.61
N GLY A 120 6.13 -0.46 -14.56
CA GLY A 120 5.26 0.45 -15.29
C GLY A 120 4.63 -0.18 -16.51
N ALA A 121 4.03 -1.36 -16.32
CA ALA A 121 3.38 -2.08 -17.40
C ALA A 121 1.92 -2.40 -17.14
N THR A 122 1.54 -2.64 -15.87
CA THR A 122 0.14 -2.90 -15.55
C THR A 122 -0.70 -1.62 -15.62
N ILE A 123 -0.07 -0.47 -15.38
CA ILE A 123 -0.77 0.81 -15.51
C ILE A 123 -1.10 1.09 -16.96
N GLN A 124 -0.17 0.74 -17.87
CA GLN A 124 -0.36 1.04 -19.28
C GLN A 124 -1.56 0.31 -19.87
N VAL A 125 -1.75 -0.96 -19.51
CA VAL A 125 -2.88 -1.70 -20.07
C VAL A 125 -4.20 -1.13 -19.57
N LEU A 126 -4.27 -0.75 -18.30
CA LEU A 126 -5.51 -0.13 -17.77
C LEU A 126 -5.77 1.18 -18.53
N LEU A 127 -4.77 2.05 -18.63
CA LEU A 127 -4.98 3.34 -19.26
C LEU A 127 -5.36 3.19 -20.73
N PHE A 128 -4.70 2.27 -21.44
CA PHE A 128 -5.02 2.04 -22.85
C PHE A 128 -6.44 1.52 -23.01
N GLY A 129 -6.84 0.56 -22.18
CA GLY A 129 -8.20 0.03 -22.28
C GLY A 129 -9.24 1.10 -22.00
N VAL A 130 -9.04 1.89 -20.95
CA VAL A 130 -10.00 2.92 -20.60
C VAL A 130 -10.07 3.97 -21.71
N MET A 131 -8.92 4.39 -22.24
CA MET A 131 -8.92 5.37 -23.31
C MET A 131 -9.63 4.85 -24.56
N ALA A 132 -9.36 3.61 -24.94
CA ALA A 132 -9.98 3.04 -26.12
C ALA A 132 -11.49 2.91 -25.94
N ILE A 133 -11.93 2.53 -24.74
CA ILE A 133 -13.36 2.40 -24.49
C ILE A 133 -14.04 3.76 -24.54
N GLU A 134 -13.45 4.76 -23.87
CA GLU A 134 -14.10 6.06 -23.75
C GLU A 134 -14.02 6.90 -25.02
N ILE A 135 -13.07 6.63 -25.91
CA ILE A 135 -13.06 7.41 -27.20
C ILE A 135 -14.24 6.96 -28.05
N LYS A 136 -14.58 5.67 -28.12
CA LYS A 136 -15.72 5.14 -28.92
C LYS A 136 -17.05 5.72 -28.46
N ARG A 137 -17.27 5.87 -27.16
CA ARG A 137 -18.53 6.38 -26.60
C ARG A 137 -18.53 7.92 -26.49
N LYS A 138 -17.55 8.68 -26.99
CA LYS A 138 -17.64 10.17 -26.95
C LYS A 138 -17.01 10.88 -28.16
N ALA A 139 -16.18 10.23 -28.99
CA ALA A 139 -15.59 10.86 -30.17
C ALA A 139 -15.09 9.81 -31.14
N PRO A 140 -15.99 9.14 -31.89
CA PRO A 140 -15.57 8.02 -32.73
C PRO A 140 -14.97 8.42 -34.08
N ASN A 141 -15.03 9.69 -34.46
CA ASN A 141 -14.55 10.11 -35.78
C ASN A 141 -13.44 11.15 -35.68
N ALA A 142 -12.60 11.04 -34.65
CA ALA A 142 -11.48 11.94 -34.46
C ALA A 142 -10.17 11.31 -34.93
N HIS A 143 -9.20 12.16 -35.21
CA HIS A 143 -7.87 11.71 -35.63
C HIS A 143 -6.78 12.02 -34.62
N THR A 144 -6.87 13.14 -33.92
CA THR A 144 -5.85 13.56 -32.97
C THR A 144 -6.51 13.96 -31.65
N VAL A 145 -5.69 13.96 -30.59
CA VAL A 145 -6.20 14.38 -29.28
C VAL A 145 -6.54 15.87 -29.29
N CYS A 146 -5.80 16.67 -30.03
CA CYS A 146 -6.03 18.12 -30.06
C CYS A 146 -7.30 18.49 -30.81
N GLU A 147 -7.90 17.57 -31.55
CA GLU A 147 -9.21 17.82 -32.16
C GLU A 147 -10.33 17.77 -31.13
N ILE A 148 -10.13 17.06 -30.02
CA ILE A 148 -11.13 17.02 -28.97
C ILE A 148 -11.03 18.24 -28.06
N VAL A 149 -9.82 18.76 -27.87
CA VAL A 149 -9.65 19.96 -27.04
C VAL A 149 -10.35 21.14 -27.68
N LYS A 150 -10.26 21.27 -29.00
CA LYS A 150 -10.95 22.35 -29.70
C LYS A 150 -12.46 22.18 -29.64
N ALA A 151 -12.95 20.93 -29.64
CA ALA A 151 -14.38 20.71 -29.62
C ALA A 151 -14.98 20.99 -28.25
N ARG A 152 -14.42 20.39 -27.20
CA ARG A 152 -14.93 20.60 -25.84
C ARG A 152 -14.79 22.04 -25.40
N TRP A 153 -13.57 22.51 -25.26
CA TRP A 153 -13.29 23.87 -24.82
C TRP A 153 -13.09 24.78 -26.04
N GLY A 154 -12.58 25.98 -25.81
CA GLY A 154 -12.48 26.97 -26.88
C GLY A 154 -11.25 26.85 -27.76
N THR A 155 -10.72 28.00 -28.21
CA THR A 155 -9.54 28.03 -29.12
C THR A 155 -8.25 28.34 -28.34
N ALA A 156 -8.31 29.25 -27.36
CA ALA A 156 -7.08 29.59 -26.64
C ALA A 156 -6.49 28.37 -25.95
N THR A 157 -7.32 27.47 -25.44
CA THR A 157 -6.82 26.24 -24.85
C THR A 157 -6.39 25.22 -25.90
N HIS A 158 -6.85 25.37 -27.14
CA HIS A 158 -6.37 24.50 -28.21
C HIS A 158 -4.90 24.77 -28.53
N ILE A 159 -4.52 26.04 -28.58
CA ILE A 159 -3.14 26.40 -28.86
C ILE A 159 -2.23 26.03 -27.69
N VAL A 160 -2.71 26.20 -26.47
CA VAL A 160 -1.89 25.93 -25.29
C VAL A 160 -1.51 24.45 -25.22
N PHE A 161 -2.48 23.56 -25.44
CA PHE A 161 -2.20 22.14 -25.42
C PHE A 161 -1.62 21.63 -26.73
N LEU A 162 -1.63 22.44 -27.78
CA LEU A 162 -0.91 22.09 -29.00
C LEU A 162 0.59 22.26 -28.84
N VAL A 163 1.02 23.06 -27.86
CA VAL A 163 2.43 23.24 -27.60
C VAL A 163 2.96 22.14 -26.66
N PHE A 164 2.14 21.68 -25.72
CA PHE A 164 2.55 20.59 -24.84
C PHE A 164 2.57 19.25 -25.55
N CYS A 165 1.90 19.13 -26.70
CA CYS A 165 1.89 17.88 -27.44
C CYS A 165 3.09 17.77 -28.37
N LEU A 166 3.51 18.89 -28.96
CA LEU A 166 4.71 18.86 -29.81
C LEU A 166 5.98 18.74 -28.98
N ALA A 167 6.01 19.32 -27.79
CA ALA A 167 7.18 19.20 -26.93
C ALA A 167 7.42 17.77 -26.51
N THR A 168 6.34 17.02 -26.23
CA THR A 168 6.49 15.62 -25.87
C THR A 168 7.11 14.82 -27.01
N ASN A 169 6.65 15.06 -28.24
CA ASN A 169 7.22 14.36 -29.39
C ASN A 169 8.68 14.74 -29.59
N VAL A 170 9.01 16.02 -29.43
CA VAL A 170 10.39 16.47 -29.59
C VAL A 170 11.29 15.81 -28.55
N VAL A 171 10.84 15.76 -27.29
CA VAL A 171 11.67 15.18 -26.23
C VAL A 171 11.80 13.67 -26.42
N VAL A 172 10.71 12.99 -26.79
CA VAL A 172 10.74 11.54 -26.91
C VAL A 172 11.57 11.10 -28.11
N THR A 173 11.46 11.83 -29.23
CA THR A 173 12.26 11.47 -30.40
C THR A 173 13.75 11.74 -30.18
N ALA A 174 14.08 12.77 -29.41
CA ALA A 174 15.48 13.05 -29.12
C ALA A 174 16.11 12.02 -28.19
N MET A 175 15.29 11.22 -27.50
CA MET A 175 15.83 10.19 -26.62
C MET A 175 16.35 8.99 -27.41
N LEU A 176 15.66 8.61 -28.48
CA LEU A 176 16.09 7.47 -29.28
C LEU A 176 17.10 7.83 -30.35
N LEU A 177 17.36 9.12 -30.56
CA LEU A 177 18.44 9.53 -31.45
C LEU A 177 19.76 9.68 -30.73
N LEU A 178 19.75 9.78 -29.41
CA LEU A 178 20.99 9.85 -28.63
C LEU A 178 21.53 8.46 -28.36
N GLY A 179 20.68 7.55 -27.87
CA GLY A 179 21.13 6.21 -27.54
C GLY A 179 21.58 5.42 -28.76
N GLY A 180 20.83 5.51 -29.86
CA GLY A 180 21.22 4.80 -31.06
C GLY A 180 22.55 5.29 -31.61
N SER A 181 22.74 6.60 -31.65
CA SER A 181 24.00 7.15 -32.14
C SER A 181 25.16 6.77 -31.22
N ALA A 182 24.93 6.80 -29.91
CA ALA A 182 25.98 6.40 -28.97
C ALA A 182 26.38 4.95 -29.18
N VAL A 183 25.40 4.05 -29.31
CA VAL A 183 25.70 2.63 -29.49
C VAL A 183 26.43 2.39 -30.81
N VAL A 184 25.96 3.04 -31.89
CA VAL A 184 26.60 2.85 -33.19
C VAL A 184 28.05 3.34 -33.15
N ASN A 185 28.28 4.51 -32.57
CA ASN A 185 29.64 5.04 -32.50
C ASN A 185 30.53 4.16 -31.63
N ALA A 186 29.98 3.65 -30.53
CA ALA A 186 30.77 2.78 -29.66
C ALA A 186 31.15 1.47 -30.34
N LEU A 187 30.23 0.89 -31.12
CA LEU A 187 30.49 -0.41 -31.72
C LEU A 187 31.32 -0.31 -32.99
N THR A 188 30.89 0.50 -33.96
CA THR A 188 31.50 0.50 -35.29
C THR A 188 32.46 1.66 -35.52
N GLY A 189 32.59 2.58 -34.58
CA GLY A 189 33.53 3.66 -34.74
C GLY A 189 33.10 4.76 -35.69
N VAL A 190 31.85 4.74 -36.16
CA VAL A 190 31.35 5.78 -37.04
C VAL A 190 31.32 7.10 -36.29
N ASN A 191 31.50 8.20 -37.03
CA ASN A 191 31.49 9.53 -36.44
C ASN A 191 30.18 9.78 -35.70
N LEU A 192 30.28 10.41 -34.53
CA LEU A 192 29.10 10.60 -33.69
C LEU A 192 28.15 11.63 -34.29
N TYR A 193 28.69 12.69 -34.88
CA TYR A 193 27.85 13.76 -35.42
C TYR A 193 27.29 13.42 -36.79
N ALA A 194 27.84 12.43 -37.48
CA ALA A 194 27.27 11.97 -38.74
C ALA A 194 26.15 10.96 -38.54
N ALA A 195 26.22 10.15 -37.48
CA ALA A 195 25.15 9.21 -37.18
C ALA A 195 23.89 9.93 -36.72
N SER A 196 24.05 11.03 -35.98
CA SER A 196 22.89 11.74 -35.43
C SER A 196 22.01 12.29 -36.54
N PHE A 197 22.61 12.76 -37.63
CA PHE A 197 21.82 13.29 -38.74
C PHE A 197 21.36 12.21 -39.70
N LEU A 198 22.11 11.12 -39.83
CA LEU A 198 21.78 10.07 -40.80
C LEU A 198 20.80 9.04 -40.28
N ILE A 199 20.65 8.91 -38.95
CA ILE A 199 19.66 7.97 -38.42
C ILE A 199 18.23 8.37 -38.77
N PRO A 200 17.80 9.63 -38.62
CA PRO A 200 16.41 9.97 -38.96
C PRO A 200 16.06 9.78 -40.43
N LEU A 201 17.05 9.84 -41.34
CA LEU A 201 16.75 9.69 -42.76
C LEU A 201 16.26 8.30 -43.09
N GLY A 202 16.85 7.27 -42.46
CA GLY A 202 16.37 5.92 -42.67
C GLY A 202 14.94 5.73 -42.20
N VAL A 203 14.61 6.31 -41.05
CA VAL A 203 13.24 6.22 -40.54
C VAL A 203 12.29 6.97 -41.45
N VAL A 204 12.72 8.12 -41.98
CA VAL A 204 11.89 8.86 -42.92
C VAL A 204 11.62 8.04 -44.18
N VAL A 205 12.66 7.39 -44.71
CA VAL A 205 12.49 6.55 -45.90
C VAL A 205 11.54 5.40 -45.60
N TYR A 206 11.69 4.78 -44.43
CA TYR A 206 10.81 3.67 -44.06
C TYR A 206 9.37 4.13 -43.93
N THR A 207 9.14 5.31 -43.34
CA THR A 207 7.78 5.79 -43.11
C THR A 207 7.11 6.24 -44.41
N LEU A 208 7.87 6.91 -45.29
CA LEU A 208 7.29 7.39 -46.54
C LEU A 208 6.79 6.24 -47.41
N ALA A 209 7.50 5.12 -47.39
CA ALA A 209 7.03 3.91 -48.06
C ALA A 209 6.03 3.22 -47.15
N GLY A 210 5.65 1.99 -47.50
CA GLY A 210 4.79 1.21 -46.62
C GLY A 210 5.25 1.22 -45.18
N GLY A 211 4.31 1.35 -44.25
CA GLY A 211 4.67 1.55 -42.86
C GLY A 211 3.74 2.48 -42.12
N LEU A 212 2.73 3.01 -42.81
CA LEU A 212 1.65 3.75 -42.17
C LEU A 212 0.76 2.77 -41.43
N LYS A 213 1.28 2.15 -40.38
CA LYS A 213 0.78 0.96 -39.69
C LYS A 213 0.87 -0.28 -40.57
N ALA A 214 1.31 -0.14 -41.83
CA ALA A 214 1.56 -1.24 -42.76
C ALA A 214 0.42 -2.23 -42.56
N THR A 215 0.77 -3.47 -42.21
CA THR A 215 -0.20 -4.53 -41.99
C THR A 215 -0.07 -5.12 -40.59
N PHE A 216 -0.64 -6.32 -40.42
CA PHE A 216 -0.57 -7.02 -39.14
C PHE A 216 0.61 -7.97 -39.05
N LEU A 217 1.45 -8.04 -40.07
CA LEU A 217 2.58 -8.96 -40.10
C LEU A 217 3.91 -8.32 -39.71
N ALA A 218 4.08 -7.03 -39.95
CA ALA A 218 5.31 -6.35 -39.56
C ALA A 218 5.48 -6.39 -38.05
N SER A 219 4.40 -6.20 -37.30
CA SER A 219 4.46 -6.31 -35.85
C SER A 219 4.86 -7.72 -35.43
N TYR A 220 4.33 -8.73 -36.11
CA TYR A 220 4.71 -10.11 -35.79
C TYR A 220 6.20 -10.35 -36.03
N VAL A 221 6.73 -9.85 -37.14
CA VAL A 221 8.15 -10.03 -37.43
C VAL A 221 9.00 -9.32 -36.38
N HIS A 222 8.63 -8.08 -36.04
CA HIS A 222 9.37 -7.32 -35.04
C HIS A 222 9.38 -8.04 -33.70
N SER A 223 8.22 -8.52 -33.26
CA SER A 223 8.13 -9.21 -31.99
C SER A 223 8.94 -10.50 -32.01
N VAL A 224 8.90 -11.25 -33.11
CA VAL A 224 9.63 -12.50 -33.20
C VAL A 224 11.13 -12.24 -33.07
N ILE A 225 11.63 -11.24 -33.79
CA ILE A 225 13.07 -10.95 -33.74
C ILE A 225 13.47 -10.51 -32.33
N VAL A 226 12.68 -9.62 -31.73
CA VAL A 226 13.01 -9.11 -30.41
C VAL A 226 13.03 -10.23 -29.38
N HIS A 227 12.04 -11.13 -29.43
CA HIS A 227 11.95 -12.18 -28.43
C HIS A 227 13.01 -13.27 -28.64
N VAL A 228 13.38 -13.54 -29.90
CA VAL A 228 14.47 -14.48 -30.15
C VAL A 228 15.77 -13.93 -29.56
N ALA A 229 16.06 -12.66 -29.81
CA ALA A 229 17.26 -12.05 -29.25
C ALA A 229 17.23 -12.07 -27.73
N LEU A 230 16.08 -11.75 -27.14
CA LEU A 230 15.96 -11.76 -25.68
C LEU A 230 16.21 -13.15 -25.11
N VAL A 231 15.63 -14.18 -25.73
CA VAL A 231 15.82 -15.55 -25.24
C VAL A 231 17.28 -15.96 -25.31
N VAL A 232 17.94 -15.66 -26.43
CA VAL A 232 19.34 -16.04 -26.57
C VAL A 232 20.19 -15.34 -25.51
N PHE A 233 20.00 -14.03 -25.30
CA PHE A 233 20.84 -13.30 -24.32
C PHE A 233 20.55 -13.83 -22.91
N VAL A 234 19.28 -14.09 -22.59
CA VAL A 234 18.97 -14.56 -21.24
C VAL A 234 19.62 -15.92 -21.00
N PHE A 235 19.50 -16.84 -21.96
CA PHE A 235 20.03 -18.18 -21.75
C PHE A 235 21.55 -18.25 -21.85
N LEU A 236 22.19 -17.25 -22.46
CA LEU A 236 23.65 -17.26 -22.52
C LEU A 236 24.28 -17.08 -21.15
N VAL A 237 23.81 -16.09 -20.38
CA VAL A 237 24.52 -15.68 -19.17
C VAL A 237 24.24 -16.54 -17.94
N TYR A 238 23.21 -17.40 -17.99
CA TYR A 238 22.86 -18.22 -16.83
C TYR A 238 23.05 -19.70 -17.05
N THR A 239 23.23 -20.16 -18.28
CA THR A 239 23.27 -21.59 -18.52
C THR A 239 24.50 -22.06 -19.30
N SER A 240 24.92 -21.29 -20.30
CA SER A 240 25.87 -21.79 -21.29
C SER A 240 27.22 -21.09 -21.31
N SER A 241 27.31 -19.84 -20.88
CA SER A 241 28.56 -19.10 -20.99
C SER A 241 29.65 -19.75 -20.15
N LYS A 242 30.88 -19.72 -20.68
CA LYS A 242 32.01 -20.29 -19.94
C LYS A 242 32.39 -19.42 -18.76
N GLU A 243 32.33 -18.10 -18.90
CA GLU A 243 32.70 -17.20 -17.82
C GLU A 243 31.62 -17.14 -16.74
N LEU A 244 30.34 -17.12 -17.15
CA LEU A 244 29.21 -17.03 -16.22
C LEU A 244 28.15 -18.02 -16.70
N GLY A 245 28.19 -19.23 -16.17
CA GLY A 245 27.30 -20.27 -16.65
C GLY A 245 26.29 -20.79 -15.65
N SER A 246 26.23 -20.18 -14.47
CA SER A 246 25.34 -20.66 -13.41
C SER A 246 24.80 -19.48 -12.63
N PRO A 247 23.61 -19.60 -12.04
CA PRO A 247 23.16 -18.58 -11.07
C PRO A 247 23.96 -18.58 -9.78
N SER A 248 24.78 -19.60 -9.54
CA SER A 248 25.63 -19.65 -8.36
C SER A 248 27.00 -19.02 -8.57
N VAL A 249 27.34 -18.66 -9.80
CA VAL A 249 28.57 -17.92 -10.07
C VAL A 249 28.33 -16.42 -10.01
N VAL A 250 27.19 -15.97 -10.52
CA VAL A 250 26.82 -14.57 -10.41
C VAL A 250 26.64 -14.18 -8.94
N TYR A 251 26.01 -15.05 -8.16
CA TYR A 251 25.86 -14.78 -6.73
C TYR A 251 27.21 -14.70 -6.03
N ASP A 252 28.12 -15.61 -6.35
CA ASP A 252 29.43 -15.61 -5.70
C ASP A 252 30.23 -14.37 -6.09
N ARG A 253 30.10 -13.92 -7.33
CA ARG A 253 30.91 -12.80 -7.79
C ARG A 253 30.31 -11.46 -7.40
N LEU A 254 28.99 -11.39 -7.20
CA LEU A 254 28.36 -10.11 -6.86
C LEU A 254 28.63 -9.71 -5.41
N LYS A 255 28.85 -10.69 -4.53
CA LYS A 255 29.12 -10.39 -3.13
C LYS A 255 30.60 -10.23 -2.82
N ASP A 256 31.47 -10.44 -3.80
CA ASP A 256 32.88 -10.13 -3.64
C ASP A 256 33.22 -8.71 -4.08
N MET A 257 32.36 -8.06 -4.86
CA MET A 257 32.58 -6.69 -5.27
C MET A 257 32.29 -5.70 -4.16
N VAL A 258 31.43 -6.05 -3.20
CA VAL A 258 31.01 -5.12 -2.17
C VAL A 258 31.66 -5.48 -0.84
N ALA A 259 32.82 -6.13 -0.90
CA ALA A 259 33.53 -6.49 0.33
C ALA A 259 34.07 -5.24 1.00
N LYS A 260 34.06 -5.23 2.34
CA LYS A 260 34.56 -4.05 3.09
C LYS A 260 36.09 -4.04 3.07
N SER A 261 36.73 -5.18 2.76
CA SER A 261 38.18 -5.20 2.67
C SER A 261 38.70 -4.64 1.36
N ARG A 262 37.79 -4.34 0.44
CA ARG A 262 38.18 -3.85 -0.91
C ARG A 262 38.73 -2.43 -0.82
N SER A 263 39.75 -2.12 -1.61
CA SER A 263 40.32 -0.79 -1.68
C SER A 263 39.97 -0.15 -3.01
N CYS A 264 39.39 1.04 -2.97
CA CYS A 264 39.01 1.75 -4.18
C CYS A 264 39.73 3.09 -4.27
N THR A 265 41.03 3.09 -4.00
CA THR A 265 41.83 4.29 -4.12
C THR A 265 42.20 4.54 -5.58
N GLU A 266 43.05 5.55 -5.79
CA GLU A 266 43.36 5.98 -7.16
C GLU A 266 43.96 4.89 -8.03
N PRO A 267 45.00 4.15 -7.61
CA PRO A 267 45.60 3.17 -8.53
C PRO A 267 44.73 1.95 -8.77
N LEU A 268 43.67 1.73 -7.99
CA LEU A 268 42.82 0.56 -8.14
C LEU A 268 41.42 0.87 -8.66
N SER A 269 40.96 2.11 -8.56
CA SER A 269 39.62 2.46 -9.00
C SER A 269 39.54 3.96 -9.23
N HIS A 270 38.48 4.38 -9.91
CA HIS A 270 38.23 5.78 -10.19
C HIS A 270 36.91 6.19 -9.54
N HIS A 271 36.44 7.41 -9.84
CA HIS A 271 35.38 8.03 -9.07
C HIS A 271 34.08 7.23 -9.09
N GLY A 272 33.42 7.15 -10.25
CA GLY A 272 32.28 6.26 -10.37
C GLY A 272 32.62 5.03 -11.18
N GLN A 273 32.90 3.91 -10.51
CA GLN A 273 33.32 2.72 -11.23
C GLN A 273 32.79 1.43 -10.61
N ALA A 274 31.83 1.50 -9.69
CA ALA A 274 31.23 0.32 -9.05
C ALA A 274 32.30 -0.49 -8.31
N CYS A 275 32.85 0.15 -7.28
CA CYS A 275 33.81 -0.49 -6.37
C CYS A 275 33.33 -0.32 -4.94
N GLY A 276 33.33 -1.42 -4.19
CA GLY A 276 32.99 -1.38 -2.78
C GLY A 276 31.50 -1.37 -2.52
N PRO A 277 31.13 -1.04 -1.28
CA PRO A 277 29.71 -1.07 -0.90
C PRO A 277 28.89 -0.02 -1.64
N VAL A 278 27.62 -0.34 -1.86
CA VAL A 278 26.68 0.54 -2.53
C VAL A 278 26.01 1.43 -1.49
N ASP A 279 26.02 2.74 -1.73
CA ASP A 279 25.44 3.68 -0.79
C ASP A 279 23.94 3.75 -0.98
N GLY A 280 23.20 3.71 0.13
CA GLY A 280 21.76 3.68 0.10
C GLY A 280 21.15 2.30 0.06
N ASN A 281 21.97 1.26 -0.04
CA ASN A 281 21.51 -0.12 -0.04
C ASN A 281 21.76 -0.75 1.32
N PHE A 282 20.80 -1.58 1.76
CA PHE A 282 20.95 -2.26 3.04
C PHE A 282 22.19 -3.13 3.03
N ARG A 283 23.13 -2.83 3.94
CA ARG A 283 24.42 -3.49 4.07
C ARG A 283 25.31 -3.30 2.85
N GLY A 284 24.97 -2.36 1.97
CA GLY A 284 25.75 -2.10 0.77
C GLY A 284 25.79 -3.28 -0.18
N SER A 285 24.64 -3.90 -0.43
CA SER A 285 24.56 -5.13 -1.21
C SER A 285 23.80 -4.90 -2.51
N TYR A 286 24.23 -5.61 -3.56
CA TYR A 286 23.50 -5.62 -4.82
C TYR A 286 22.30 -6.55 -4.76
N LEU A 287 22.34 -7.57 -3.91
CA LEU A 287 21.28 -8.58 -3.82
C LEU A 287 20.38 -8.25 -2.65
N THR A 288 19.46 -7.32 -2.89
CA THR A 288 18.51 -6.88 -1.88
C THR A 288 17.42 -6.05 -2.53
N MET A 289 16.23 -6.11 -1.95
CA MET A 289 15.12 -5.26 -2.36
C MET A 289 15.04 -3.98 -1.54
N LEU A 290 15.91 -3.82 -0.54
CA LEU A 290 15.90 -2.64 0.32
C LEU A 290 16.89 -1.60 -0.23
N SER A 291 16.45 -0.95 -1.32
CA SER A 291 17.22 0.09 -1.97
C SER A 291 16.38 1.36 -2.02
N SER A 292 16.97 2.48 -1.60
CA SER A 292 16.26 3.75 -1.66
C SER A 292 16.33 4.37 -3.04
N GLY A 293 17.48 4.25 -3.70
CA GLY A 293 17.60 4.77 -5.06
C GLY A 293 16.65 4.10 -6.02
N GLY A 294 16.50 2.78 -5.90
CA GLY A 294 15.57 2.07 -6.75
C GLY A 294 14.12 2.49 -6.53
N ALA A 295 13.74 2.70 -5.27
CA ALA A 295 12.38 3.15 -4.97
C ALA A 295 12.13 4.55 -5.52
N VAL A 296 13.10 5.46 -5.36
CA VAL A 296 12.94 6.80 -5.91
C VAL A 296 12.85 6.75 -7.43
N PHE A 297 13.66 5.89 -8.07
CA PHE A 297 13.58 5.76 -9.52
C PHE A 297 12.23 5.22 -9.95
N GLY A 298 11.67 4.27 -9.21
CA GLY A 298 10.34 3.77 -9.54
C GLY A 298 9.27 4.84 -9.39
N LEU A 299 9.39 5.67 -8.36
CA LEU A 299 8.46 6.79 -8.19
C LEU A 299 8.54 7.75 -9.37
N ILE A 300 9.76 8.05 -9.83
CA ILE A 300 9.91 8.91 -11.01
C ILE A 300 9.35 8.23 -12.25
N ASN A 301 9.59 6.93 -12.39
CA ASN A 301 9.17 6.18 -13.58
C ASN A 301 7.65 6.15 -13.70
N ILE A 302 6.95 6.07 -12.58
CA ILE A 302 5.49 6.07 -12.62
C ILE A 302 4.98 7.38 -13.24
N VAL A 303 5.52 8.51 -12.80
CA VAL A 303 5.11 9.81 -13.33
C VAL A 303 5.47 9.93 -14.80
N GLY A 304 6.67 9.45 -15.17
CA GLY A 304 7.05 9.48 -16.57
C GLY A 304 6.12 8.66 -17.45
N ASN A 305 5.74 7.47 -16.99
CA ASN A 305 4.82 6.63 -17.74
C ASN A 305 3.45 7.28 -17.85
N PHE A 306 2.99 7.93 -16.79
CA PHE A 306 1.73 8.67 -16.86
C PHE A 306 1.82 9.78 -17.92
N GLY A 307 2.95 10.49 -17.95
CA GLY A 307 3.10 11.56 -18.91
C GLY A 307 3.23 11.08 -20.35
N THR A 308 3.72 9.86 -20.54
CA THR A 308 3.87 9.32 -21.89
C THR A 308 2.52 8.89 -22.49
N VAL A 309 1.55 8.51 -21.68
CA VAL A 309 0.29 7.99 -22.19
C VAL A 309 -0.65 9.09 -22.66
N PHE A 310 -0.83 10.14 -21.85
CA PHE A 310 -1.86 11.13 -22.13
C PHE A 310 -1.39 12.24 -23.06
N VAL A 311 -0.13 12.68 -22.94
CA VAL A 311 0.34 13.82 -23.71
C VAL A 311 0.89 13.44 -25.08
N ASP A 312 1.28 12.19 -25.28
CA ASP A 312 1.81 11.75 -26.57
C ASP A 312 0.66 11.45 -27.53
N ASN A 313 0.70 12.05 -28.72
CA ASN A 313 -0.35 11.85 -29.70
C ASN A 313 -0.29 10.49 -30.38
N GLY A 314 0.86 9.82 -30.34
CA GLY A 314 0.95 8.49 -30.92
C GLY A 314 0.11 7.47 -30.19
N TYR A 315 0.03 7.61 -28.86
CA TYR A 315 -0.82 6.70 -28.06
C TYR A 315 -2.27 6.89 -28.47
N TRP A 316 -2.71 8.14 -28.61
CA TRP A 316 -4.08 8.40 -29.04
C TRP A 316 -4.33 7.86 -30.43
N VAL A 317 -3.38 8.08 -31.35
CA VAL A 317 -3.53 7.56 -32.71
C VAL A 317 -3.71 6.05 -32.69
N SER A 318 -2.94 5.36 -31.85
CA SER A 318 -3.10 3.91 -31.71
C SER A 318 -4.40 3.55 -31.00
N ALA A 319 -4.97 4.47 -30.22
CA ALA A 319 -6.19 4.18 -29.47
C ALA A 319 -7.47 4.46 -30.25
N ILE A 320 -7.40 5.25 -31.33
CA ILE A 320 -8.59 5.49 -32.15
C ILE A 320 -8.83 4.37 -33.15
N ALA A 321 -7.79 3.61 -33.50
CA ALA A 321 -7.91 2.54 -34.48
C ALA A 321 -8.21 1.19 -33.85
N ALA A 322 -8.37 1.13 -32.53
CA ALA A 322 -8.61 -0.14 -31.86
C ALA A 322 -10.09 -0.53 -31.94
N ARG A 323 -10.34 -1.83 -31.83
CA ARG A 323 -11.68 -2.38 -31.77
C ARG A 323 -11.89 -2.97 -30.38
N PRO A 324 -12.26 -2.17 -29.38
CA PRO A 324 -12.28 -2.68 -28.00
C PRO A 324 -13.52 -3.50 -27.65
N SER A 325 -14.61 -3.35 -28.39
CA SER A 325 -15.84 -4.05 -28.05
C SER A 325 -15.72 -5.56 -28.20
N SER A 326 -14.77 -6.03 -29.01
CA SER A 326 -14.62 -7.46 -29.27
C SER A 326 -13.23 -8.01 -28.99
N THR A 327 -12.19 -7.18 -28.99
CA THR A 327 -10.82 -7.65 -28.85
C THR A 327 -10.14 -7.05 -27.62
N HIS A 328 -10.91 -6.76 -26.57
CA HIS A 328 -10.34 -6.13 -25.39
C HIS A 328 -9.49 -7.07 -24.55
N LYS A 329 -9.54 -8.38 -24.80
CA LYS A 329 -8.80 -9.33 -23.98
C LYS A 329 -7.35 -9.48 -24.40
N GLY A 330 -6.96 -8.94 -25.56
CA GLY A 330 -5.58 -9.04 -26.00
C GLY A 330 -4.63 -8.09 -25.30
N TYR A 331 -5.15 -7.01 -24.70
CA TYR A 331 -4.28 -6.03 -24.07
C TYR A 331 -3.64 -6.59 -22.81
N LEU A 332 -4.39 -7.38 -22.03
CA LEU A 332 -3.82 -7.97 -20.83
C LEU A 332 -2.70 -8.95 -21.17
N LEU A 333 -2.92 -9.80 -22.18
CA LEU A 333 -1.88 -10.72 -22.62
C LEU A 333 -0.67 -9.95 -23.16
N GLY A 334 -0.91 -8.88 -23.92
CA GLY A 334 0.18 -8.08 -24.42
C GLY A 334 1.02 -7.46 -23.31
N GLY A 335 0.35 -6.93 -22.28
CA GLY A 335 1.08 -6.36 -21.17
C GLY A 335 1.86 -7.40 -20.38
N LEU A 336 1.25 -8.56 -20.13
CA LEU A 336 1.95 -9.62 -19.41
C LEU A 336 3.16 -10.12 -20.18
N VAL A 337 3.05 -10.19 -21.51
CA VAL A 337 4.20 -10.61 -22.32
C VAL A 337 5.27 -9.52 -22.34
N TRP A 338 4.86 -8.25 -22.45
CA TRP A 338 5.83 -7.16 -22.51
C TRP A 338 6.58 -6.99 -21.21
N PHE A 339 5.97 -7.38 -20.08
CA PHE A 339 6.64 -7.25 -18.79
C PHE A 339 8.00 -7.96 -18.78
N ALA A 340 8.15 -9.02 -19.56
CA ALA A 340 9.32 -9.88 -19.46
C ALA A 340 10.56 -9.33 -20.16
N VAL A 341 10.42 -8.36 -21.06
CA VAL A 341 11.58 -7.87 -21.81
C VAL A 341 12.47 -7.02 -20.90
N PRO A 342 12.01 -5.88 -20.36
CA PRO A 342 12.90 -5.06 -19.53
C PRO A 342 13.31 -5.74 -18.23
N PHE A 343 12.59 -6.77 -17.79
CA PHE A 343 12.95 -7.48 -16.57
C PHE A 343 14.05 -8.49 -16.83
N SER A 344 13.78 -9.45 -17.73
CA SER A 344 14.77 -10.50 -18.01
C SER A 344 16.03 -9.93 -18.64
N LEU A 345 15.89 -9.02 -19.61
CA LEU A 345 17.07 -8.52 -20.29
C LEU A 345 17.95 -7.70 -19.34
N ALA A 346 17.34 -6.87 -18.49
CA ALA A 346 18.12 -6.10 -17.54
C ALA A 346 18.73 -6.98 -16.46
N THR A 347 18.04 -8.05 -16.05
CA THR A 347 18.61 -8.97 -15.08
C THR A 347 19.83 -9.69 -15.67
N SER A 348 19.76 -10.07 -16.95
CA SER A 348 20.87 -10.79 -17.57
C SER A 348 22.04 -9.86 -17.88
N LEU A 349 21.79 -8.84 -18.72
CA LEU A 349 22.88 -7.99 -19.20
C LEU A 349 23.32 -6.95 -18.19
N GLY A 350 22.50 -6.65 -17.19
CA GLY A 350 22.86 -5.64 -16.21
C GLY A 350 23.64 -6.17 -15.04
N LEU A 351 23.20 -7.29 -14.47
CA LEU A 351 23.92 -7.92 -13.38
C LEU A 351 25.15 -8.69 -13.86
N GLY A 352 25.22 -9.03 -15.15
CA GLY A 352 26.39 -9.68 -15.69
C GLY A 352 27.57 -8.77 -15.92
N ALA A 353 27.33 -7.46 -16.00
CA ALA A 353 28.43 -6.51 -16.10
C ALA A 353 29.13 -6.30 -14.76
N LEU A 354 28.39 -6.35 -13.66
CA LEU A 354 29.00 -6.24 -12.35
C LEU A 354 29.77 -7.51 -11.99
N ALA A 355 29.21 -8.68 -12.31
CA ALA A 355 29.87 -9.94 -12.00
C ALA A 355 31.15 -10.14 -12.82
N LEU A 356 31.24 -9.54 -13.99
CA LEU A 356 32.43 -9.67 -14.84
C LEU A 356 33.51 -8.66 -14.51
N ASP A 357 33.23 -7.69 -13.65
CA ASP A 357 34.18 -6.63 -13.28
C ASP A 357 34.63 -5.85 -14.51
N LEU A 358 33.68 -5.22 -15.18
CA LEU A 358 34.03 -4.41 -16.34
C LEU A 358 34.25 -2.96 -15.93
N PRO A 359 35.23 -2.27 -16.51
CA PRO A 359 35.54 -0.89 -16.13
C PRO A 359 34.57 0.15 -16.70
N ILE A 360 33.27 -0.11 -16.54
CA ILE A 360 32.26 0.84 -16.99
C ILE A 360 32.24 2.03 -16.04
N SER A 361 32.22 3.23 -16.62
CA SER A 361 32.12 4.46 -15.85
C SER A 361 30.67 4.92 -15.78
N LYS A 362 30.41 5.87 -14.86
CA LYS A 362 29.05 6.34 -14.67
C LYS A 362 28.55 7.11 -15.88
N ASP A 363 29.37 7.98 -16.45
CA ASP A 363 28.96 8.72 -17.64
C ASP A 363 28.72 7.79 -18.82
N GLU A 364 29.59 6.78 -18.97
CA GLU A 364 29.42 5.82 -20.05
C GLU A 364 28.15 4.99 -19.87
N ALA A 365 27.86 4.58 -18.64
CA ALA A 365 26.65 3.81 -18.37
C ALA A 365 25.40 4.66 -18.54
N ASP A 366 25.49 5.96 -18.26
CA ASP A 366 24.34 6.84 -18.45
C ASP A 366 23.92 6.89 -19.91
N ARG A 367 24.89 6.98 -20.83
CA ARG A 367 24.60 7.13 -22.25
C ARG A 367 23.90 5.92 -22.85
N GLY A 368 23.87 4.78 -22.16
CA GLY A 368 23.26 3.58 -22.65
C GLY A 368 24.23 2.54 -23.17
N LEU A 369 25.43 2.47 -22.62
CA LEU A 369 26.49 1.61 -23.15
C LEU A 369 26.79 0.42 -22.25
N VAL A 370 25.84 0.01 -21.42
CA VAL A 370 26.01 -1.17 -20.58
C VAL A 370 25.73 -2.46 -21.36
N PRO A 371 24.64 -2.58 -22.13
CA PRO A 371 24.39 -3.83 -22.85
C PRO A 371 25.45 -4.15 -23.89
N PRO A 372 25.89 -3.19 -24.72
CA PRO A 372 26.94 -3.54 -25.70
C PRO A 372 28.23 -4.03 -25.06
N ALA A 373 28.61 -3.48 -23.90
CA ALA A 373 29.83 -3.93 -23.24
C ALA A 373 29.73 -5.38 -22.83
N THR A 374 28.62 -5.77 -22.20
CA THR A 374 28.42 -7.16 -21.81
C THR A 374 28.35 -8.07 -23.03
N ALA A 375 27.68 -7.62 -24.10
CA ALA A 375 27.57 -8.43 -25.30
C ALA A 375 28.94 -8.68 -25.92
N ILE A 376 29.80 -7.67 -25.95
CA ILE A 376 31.16 -7.85 -26.46
C ILE A 376 31.96 -8.78 -25.54
N ALA A 377 31.85 -8.59 -24.23
CA ALA A 377 32.64 -9.38 -23.30
C ALA A 377 32.27 -10.86 -23.35
N LEU A 378 30.97 -11.17 -23.46
CA LEU A 378 30.52 -12.55 -23.38
C LEU A 378 30.41 -13.23 -24.74
N MET A 379 30.03 -12.50 -25.77
CA MET A 379 29.74 -13.08 -27.09
C MET A 379 30.41 -12.26 -28.18
N GLY A 380 31.70 -11.97 -28.01
CA GLY A 380 32.44 -11.07 -28.86
C GLY A 380 32.24 -11.20 -30.36
N LYS A 381 31.93 -10.10 -31.02
CA LYS A 381 31.75 -9.95 -32.46
C LYS A 381 30.53 -10.67 -33.00
N SER A 382 29.80 -11.41 -32.16
CA SER A 382 28.56 -12.05 -32.58
C SER A 382 27.37 -11.58 -31.78
N GLY A 383 27.54 -11.27 -30.49
CA GLY A 383 26.49 -10.63 -29.73
C GLY A 383 26.34 -9.16 -30.04
N SER A 384 27.39 -8.52 -30.55
CA SER A 384 27.28 -7.11 -30.93
C SER A 384 26.33 -6.92 -32.10
N LEU A 385 26.43 -7.77 -33.12
CA LEU A 385 25.52 -7.66 -34.26
C LEU A 385 24.09 -7.98 -33.85
N LEU A 386 23.91 -8.98 -32.99
CA LEU A 386 22.58 -9.32 -32.51
C LEU A 386 21.96 -8.16 -31.72
N LEU A 387 22.76 -7.54 -30.85
CA LEU A 387 22.25 -6.41 -30.08
C LEU A 387 21.97 -5.21 -30.98
N LEU A 388 22.81 -4.98 -31.99
CA LEU A 388 22.54 -3.90 -32.93
C LEU A 388 21.22 -4.12 -33.67
N THR A 389 20.97 -5.34 -34.12
CA THR A 389 19.72 -5.64 -34.81
C THR A 389 18.53 -5.45 -33.87
N MET A 390 18.63 -5.96 -32.64
CA MET A 390 17.54 -5.83 -31.68
C MET A 390 17.26 -4.38 -31.35
N LEU A 391 18.31 -3.56 -31.21
CA LEU A 391 18.12 -2.16 -30.89
C LEU A 391 17.53 -1.39 -32.06
N PHE A 392 18.02 -1.64 -33.28
CA PHE A 392 17.55 -0.89 -34.42
C PHE A 392 16.14 -1.28 -34.87
N MET A 393 15.71 -2.52 -34.58
CA MET A 393 14.30 -2.85 -34.78
C MET A 393 13.41 -1.91 -33.98
N ALA A 394 13.70 -1.77 -32.69
CA ALA A 394 12.92 -0.88 -31.84
C ALA A 394 13.06 0.57 -32.27
N VAL A 395 14.28 0.97 -32.66
CA VAL A 395 14.50 2.36 -33.08
C VAL A 395 13.63 2.69 -34.29
N THR A 396 13.65 1.83 -35.30
CA THR A 396 12.87 2.07 -36.51
C THR A 396 11.38 2.04 -36.21
N SER A 397 10.93 1.04 -35.45
CA SER A 397 9.50 0.90 -35.17
C SER A 397 8.97 2.09 -34.38
N ALA A 398 9.71 2.55 -33.37
CA ALA A 398 9.25 3.66 -32.55
C ALA A 398 9.40 5.01 -33.26
N GLY A 399 10.45 5.17 -34.08
CA GLY A 399 10.61 6.43 -34.80
C GLY A 399 9.62 6.61 -35.92
N SER A 400 9.18 5.51 -36.53
CA SER A 400 8.14 5.61 -37.54
C SER A 400 6.82 6.07 -36.93
N SER A 401 6.54 5.64 -35.70
CA SER A 401 5.32 6.07 -35.02
C SER A 401 5.40 7.54 -34.61
N GLU A 402 6.58 8.00 -34.19
CA GLU A 402 6.73 9.41 -33.81
C GLU A 402 6.60 10.32 -35.03
N LEU A 403 7.11 9.88 -36.17
CA LEU A 403 6.97 10.70 -37.39
C LEU A 403 5.50 10.85 -37.77
N ILE A 404 4.69 9.80 -37.65
CA ILE A 404 3.24 9.92 -37.96
C ILE A 404 2.42 10.32 -36.73
N ALA A 405 2.93 11.18 -35.85
CA ALA A 405 2.13 11.69 -34.75
C ALA A 405 2.11 13.21 -34.90
N VAL A 406 3.05 13.71 -35.69
CA VAL A 406 3.22 15.14 -35.91
C VAL A 406 2.76 15.55 -37.31
N SER A 407 2.89 14.69 -38.30
CA SER A 407 2.31 14.98 -39.61
C SER A 407 0.79 15.07 -39.52
N SER A 408 0.16 14.16 -38.77
CA SER A 408 -1.27 14.25 -38.54
C SER A 408 -1.62 15.47 -37.71
N LEU A 409 -0.82 15.77 -36.68
CA LEU A 409 -1.06 16.97 -35.88
C LEU A 409 -1.01 18.21 -36.74
N PHE A 410 0.03 18.35 -37.56
CA PHE A 410 0.17 19.53 -38.42
C PHE A 410 -0.95 19.58 -39.46
N THR A 411 -1.30 18.43 -40.05
CA THR A 411 -2.23 18.43 -41.17
C THR A 411 -3.69 18.51 -40.73
N TYR A 412 -4.00 18.27 -39.46
CA TYR A 412 -5.38 18.32 -39.00
C TYR A 412 -5.65 19.40 -37.97
N ASP A 413 -4.62 19.92 -37.28
CA ASP A 413 -4.82 20.90 -36.23
C ASP A 413 -4.21 22.26 -36.53
N ILE A 414 -3.45 22.40 -37.61
CA ILE A 414 -2.86 23.69 -37.95
C ILE A 414 -3.24 24.05 -39.38
N TYR A 415 -2.95 23.17 -40.33
CA TYR A 415 -3.20 23.48 -41.74
C TYR A 415 -4.69 23.51 -42.04
N ARG A 416 -5.43 22.47 -41.61
CA ARG A 416 -6.84 22.38 -41.95
C ARG A 416 -7.68 23.37 -41.15
N THR A 417 -7.32 23.61 -39.90
CA THR A 417 -8.12 24.50 -39.05
C THR A 417 -7.79 25.96 -39.30
N TYR A 418 -6.53 26.34 -39.50
CA TYR A 418 -6.23 27.79 -39.59
C TYR A 418 -5.70 28.27 -40.95
N ILE A 419 -4.87 27.52 -41.70
CA ILE A 419 -4.23 28.03 -42.94
C ILE A 419 -5.11 27.87 -44.18
N ASN A 420 -5.86 26.79 -44.29
CA ASN A 420 -6.80 26.58 -45.43
C ASN A 420 -7.85 25.58 -44.97
N PRO A 421 -9.05 26.02 -44.56
CA PRO A 421 -10.03 25.11 -43.98
C PRO A 421 -10.96 24.51 -45.02
N ARG A 422 -10.51 24.43 -46.27
CA ARG A 422 -11.31 23.79 -47.35
C ARG A 422 -10.33 22.95 -48.20
N ALA A 423 -10.09 21.68 -47.81
CA ALA A 423 -9.01 20.91 -48.50
C ALA A 423 -9.48 19.59 -49.09
N THR A 424 -9.15 19.33 -50.36
CA THR A 424 -9.48 18.07 -51.08
C THR A 424 -8.43 17.01 -50.72
N GLY A 425 -8.77 15.73 -50.82
CA GLY A 425 -7.82 14.68 -50.40
C GLY A 425 -6.45 14.79 -51.02
N ARG A 426 -6.37 15.22 -52.27
CA ARG A 426 -5.05 15.27 -52.95
C ARG A 426 -4.19 16.34 -52.29
N GLN A 427 -4.80 17.23 -51.51
CA GLN A 427 -4.01 18.34 -50.95
C GLN A 427 -3.71 18.05 -49.48
N ILE A 428 -4.32 17.02 -48.90
CA ILE A 428 -3.98 16.60 -47.51
C ILE A 428 -2.80 15.64 -47.57
N LEU A 429 -2.72 14.76 -48.57
CA LEU A 429 -1.59 13.80 -48.72
C LEU A 429 -0.23 14.46 -49.02
N LYS A 430 -0.14 15.61 -49.66
CA LYS A 430 1.10 16.35 -49.86
C LYS A 430 1.60 16.96 -48.56
N ILE A 431 0.69 17.56 -47.78
CA ILE A 431 1.07 18.14 -46.50
C ILE A 431 1.54 17.05 -45.54
N SER A 432 0.85 15.92 -45.52
CA SER A 432 1.25 14.82 -44.65
C SER A 432 2.64 14.31 -45.00
N ARG A 433 2.95 14.22 -46.29
CA ARG A 433 4.25 13.73 -46.70
C ARG A 433 5.35 14.76 -46.48
N CYS A 434 5.01 16.06 -46.56
CA CYS A 434 6.02 17.09 -46.34
C CYS A 434 6.34 17.29 -44.86
N ALA A 435 5.35 17.12 -43.98
CA ALA A 435 5.59 17.28 -42.56
C ALA A 435 6.57 16.23 -42.03
N VAL A 436 6.49 15.01 -42.56
CA VAL A 436 7.41 13.95 -42.15
C VAL A 436 8.85 14.34 -42.46
N LEU A 437 9.08 14.83 -43.69
CA LEU A 437 10.42 15.26 -44.08
C LEU A 437 10.89 16.43 -43.23
N GLY A 438 10.01 17.39 -42.97
CA GLY A 438 10.41 18.54 -42.16
C GLY A 438 10.81 18.15 -40.75
N PHE A 439 10.00 17.31 -40.10
CA PHE A 439 10.31 16.88 -38.74
C PHE A 439 11.58 16.03 -38.71
N GLY A 440 11.74 15.13 -39.68
CA GLY A 440 12.94 14.31 -39.72
C GLY A 440 14.20 15.12 -39.95
N CYS A 441 14.12 16.19 -40.73
CA CYS A 441 15.29 17.03 -40.96
C CYS A 441 15.58 17.93 -39.77
N PHE A 442 14.55 18.40 -39.06
CA PHE A 442 14.78 19.23 -37.89
C PHE A 442 15.36 18.43 -36.73
N MET A 443 14.87 17.21 -36.53
CA MET A 443 15.31 16.42 -35.38
C MET A 443 16.76 15.99 -35.53
N GLY A 444 17.26 15.86 -36.76
CA GLY A 444 18.67 15.54 -36.94
C GLY A 444 19.58 16.65 -36.44
N ILE A 445 19.25 17.89 -36.81
CA ILE A 445 20.01 19.04 -36.32
C ILE A 445 19.91 19.15 -34.81
N LEU A 446 18.71 18.92 -34.27
CA LEU A 446 18.55 18.95 -32.82
C LEU A 446 19.42 17.90 -32.14
N ALA A 447 19.46 16.69 -32.70
CA ALA A 447 20.28 15.62 -32.12
C ALA A 447 21.77 15.96 -32.21
N VAL A 448 22.20 16.56 -33.31
CA VAL A 448 23.61 16.97 -33.42
C VAL A 448 23.95 17.99 -32.34
N VAL A 449 23.07 18.98 -32.15
CA VAL A 449 23.30 20.00 -31.13
C VAL A 449 23.34 19.38 -29.74
N LEU A 450 22.42 18.45 -29.46
CA LEU A 450 22.38 17.82 -28.14
C LEU A 450 23.61 16.95 -27.90
N ASN A 451 24.09 16.26 -28.93
CA ASN A 451 25.30 15.46 -28.78
C ASN A 451 26.51 16.34 -28.53
N LYS A 452 26.59 17.49 -29.20
CA LYS A 452 27.70 18.41 -28.94
C LYS A 452 27.65 18.96 -27.52
N ALA A 453 26.45 19.26 -27.02
CA ALA A 453 26.30 19.84 -25.69
C ALA A 453 26.55 18.84 -24.57
N GLY A 454 26.66 17.55 -24.87
CA GLY A 454 26.96 16.55 -23.87
C GLY A 454 25.76 15.95 -23.16
N VAL A 455 24.54 16.24 -23.62
CA VAL A 455 23.37 15.63 -23.01
C VAL A 455 23.33 14.15 -23.37
N SER A 456 22.75 13.35 -22.47
CA SER A 456 22.73 11.91 -22.62
C SER A 456 21.34 11.37 -22.31
N LEU A 457 21.03 10.21 -22.87
CA LEU A 457 19.85 9.46 -22.45
C LEU A 457 19.98 9.09 -20.98
N GLY A 458 18.87 9.10 -20.26
CA GLY A 458 18.93 8.87 -18.83
C GLY A 458 18.81 10.18 -18.07
N TRP A 459 19.49 11.21 -18.56
CA TRP A 459 19.18 12.56 -18.11
C TRP A 459 17.88 13.05 -18.73
N MET A 460 17.65 12.73 -20.01
CA MET A 460 16.40 13.09 -20.65
C MET A 460 15.25 12.19 -20.21
N TYR A 461 15.56 10.93 -19.87
CA TYR A 461 14.52 10.02 -19.39
C TYR A 461 13.93 10.49 -18.08
N LEU A 462 14.78 10.97 -17.16
CA LEU A 462 14.30 11.41 -15.85
C LEU A 462 13.57 12.75 -15.93
N ALA A 463 13.97 13.61 -16.87
CA ALA A 463 13.46 14.97 -16.95
C ALA A 463 12.16 15.08 -17.75
N MET A 464 11.63 13.98 -18.25
CA MET A 464 10.39 14.04 -19.04
C MET A 464 9.22 14.51 -18.20
N GLY A 465 9.08 14.01 -16.97
CA GLY A 465 7.94 14.37 -16.14
C GLY A 465 8.01 15.77 -15.58
N VAL A 466 9.19 16.37 -15.50
CA VAL A 466 9.31 17.74 -15.01
C VAL A 466 8.71 18.72 -16.02
N LEU A 467 8.89 18.45 -17.30
CA LEU A 467 8.55 19.41 -18.35
C LEU A 467 7.10 19.30 -18.80
N ILE A 468 6.62 18.09 -19.07
CA ILE A 468 5.28 17.89 -19.62
C ILE A 468 4.37 17.15 -18.63
N GLY A 469 4.74 17.13 -17.34
CA GLY A 469 3.93 16.46 -16.36
C GLY A 469 2.73 17.24 -15.85
N SER A 470 2.61 18.51 -16.23
CA SER A 470 1.54 19.36 -15.75
C SER A 470 0.30 19.33 -16.63
N ALA A 471 0.34 18.63 -17.76
CA ALA A 471 -0.79 18.53 -18.67
C ALA A 471 -1.42 17.14 -18.66
N VAL A 472 -1.10 16.31 -17.68
CA VAL A 472 -1.61 14.95 -17.65
C VAL A 472 -3.03 14.92 -17.09
N ILE A 473 -3.26 15.59 -15.97
CA ILE A 473 -4.54 15.57 -15.28
C ILE A 473 -5.58 16.41 -16.02
N PRO A 474 -5.24 17.57 -16.61
CA PRO A 474 -6.23 18.26 -17.45
C PRO A 474 -6.77 17.42 -18.60
N ILE A 475 -5.91 16.61 -19.24
CA ILE A 475 -6.38 15.77 -20.34
C ILE A 475 -7.28 14.65 -19.82
N ALA A 476 -6.91 14.07 -18.67
CA ALA A 476 -7.77 13.06 -18.05
C ALA A 476 -9.14 13.65 -17.69
N PHE A 477 -9.16 14.88 -17.17
CA PHE A 477 -10.42 15.55 -16.87
C PHE A 477 -11.21 15.80 -18.14
N MET A 478 -10.54 16.19 -19.23
CA MET A 478 -11.23 16.39 -20.49
C MET A 478 -11.89 15.10 -20.97
N LEU A 479 -11.20 13.98 -20.81
CA LEU A 479 -11.74 12.70 -21.29
C LEU A 479 -12.84 12.16 -20.38
N LEU A 480 -12.72 12.35 -19.07
CA LEU A 480 -13.61 11.69 -18.11
C LEU A 480 -14.51 12.65 -17.35
N TRP A 481 -13.93 13.64 -16.67
CA TRP A 481 -14.72 14.52 -15.81
C TRP A 481 -15.60 15.45 -16.64
N SER A 482 -16.78 15.75 -16.10
CA SER A 482 -17.75 16.59 -16.80
C SER A 482 -17.91 17.97 -16.16
N LYS A 483 -17.02 18.35 -15.25
CA LYS A 483 -17.08 19.66 -14.61
C LYS A 483 -15.92 20.56 -14.94
N ALA A 484 -14.83 20.03 -15.51
CA ALA A 484 -13.67 20.85 -15.82
C ALA A 484 -13.99 21.88 -16.89
N ASN A 485 -13.38 23.05 -16.78
CA ASN A 485 -13.60 24.16 -17.70
C ASN A 485 -12.30 24.56 -18.38
N ALA A 486 -12.40 25.52 -19.31
CA ALA A 486 -11.27 25.87 -20.15
C ALA A 486 -10.20 26.64 -19.39
N PHE A 487 -10.62 27.62 -18.59
CA PHE A 487 -9.66 28.50 -17.92
C PHE A 487 -8.80 27.72 -16.93
N GLY A 488 -9.40 26.83 -16.16
CA GLY A 488 -8.63 26.03 -15.21
C GLY A 488 -7.59 25.16 -15.88
N ALA A 489 -7.92 24.62 -17.05
CA ALA A 489 -6.97 23.79 -17.77
C ALA A 489 -5.72 24.57 -18.17
N ILE A 490 -5.91 25.74 -18.78
CA ILE A 490 -4.77 26.57 -19.17
C ILE A 490 -3.97 26.98 -17.94
N LEU A 491 -4.67 27.40 -16.89
CA LEU A 491 -3.98 27.86 -15.68
C LEU A 491 -3.13 26.75 -15.07
N GLY A 492 -3.71 25.57 -14.90
CA GLY A 492 -2.97 24.46 -14.31
C GLY A 492 -1.80 24.02 -15.18
N ALA A 493 -2.05 23.88 -16.49
CA ALA A 493 -1.00 23.42 -17.39
C ALA A 493 0.18 24.39 -17.42
N THR A 494 -0.10 25.70 -17.42
CA THR A 494 0.97 26.68 -17.48
C THR A 494 1.67 26.82 -16.13
N SER A 495 0.94 26.74 -15.03
CA SER A 495 1.54 26.95 -13.71
C SER A 495 2.38 25.75 -13.27
N GLY A 496 1.92 24.54 -13.58
CA GLY A 496 2.65 23.36 -13.12
C GLY A 496 4.06 23.28 -13.69
N CYS A 497 4.20 23.58 -14.98
CA CYS A 497 5.53 23.51 -15.61
C CYS A 497 6.49 24.50 -14.97
N VAL A 498 6.04 25.75 -14.77
CA VAL A 498 6.90 26.77 -14.20
C VAL A 498 7.30 26.40 -12.77
N PHE A 499 6.32 25.98 -11.97
CA PHE A 499 6.61 25.63 -10.58
C PHE A 499 7.55 24.42 -10.50
N GLY A 500 7.31 23.42 -11.35
CA GLY A 500 8.17 22.24 -11.34
C GLY A 500 9.59 22.55 -11.75
N ILE A 501 9.77 23.37 -12.80
CA ILE A 501 11.13 23.74 -13.22
C ILE A 501 11.83 24.55 -12.13
N ILE A 502 11.09 25.48 -11.50
CA ILE A 502 11.69 26.29 -10.44
C ILE A 502 12.14 25.41 -9.28
N THR A 503 11.27 24.50 -8.84
CA THR A 503 11.63 23.60 -7.75
C THR A 503 12.80 22.70 -8.13
N TRP A 504 12.79 22.19 -9.37
CA TRP A 504 13.83 21.28 -9.83
C TRP A 504 15.20 21.96 -9.87
N LEU A 505 15.25 23.21 -10.31
CA LEU A 505 16.52 23.93 -10.31
C LEU A 505 16.94 24.37 -8.91
N THR A 506 16.00 24.82 -8.08
CA THR A 506 16.35 25.29 -6.75
C THR A 506 16.82 24.16 -5.84
N THR A 507 16.25 22.96 -5.96
CA THR A 507 16.72 21.84 -5.16
C THR A 507 18.16 21.50 -5.52
N ALA A 508 18.49 21.50 -6.82
CA ALA A 508 19.86 21.22 -7.24
C ALA A 508 20.81 22.30 -6.75
N LYS A 509 20.39 23.57 -6.80
CA LYS A 509 21.24 24.65 -6.30
C LYS A 509 21.45 24.53 -4.80
N THR A 510 20.41 24.19 -4.04
CA THR A 510 20.51 24.17 -2.59
C THR A 510 21.32 22.97 -2.10
N GLN A 511 21.05 21.78 -2.65
CA GLN A 511 21.68 20.56 -2.16
C GLN A 511 23.10 20.36 -2.69
N TYR A 512 23.56 21.19 -3.61
CA TYR A 512 24.91 21.11 -4.14
C TYR A 512 25.45 22.52 -4.28
N GLY A 513 26.57 22.67 -4.99
CA GLY A 513 27.20 23.96 -5.16
C GLY A 513 27.10 24.58 -6.54
N ARG A 514 26.16 24.09 -7.34
CA ARG A 514 26.17 24.54 -8.74
C ARG A 514 24.89 24.08 -9.42
N VAL A 515 24.65 24.52 -10.64
CA VAL A 515 23.50 24.08 -11.44
C VAL A 515 24.06 23.72 -12.82
N ASP A 516 24.40 22.44 -13.00
CA ASP A 516 24.91 21.93 -14.27
C ASP A 516 24.28 20.57 -14.52
N LEU A 517 24.69 19.94 -15.63
CA LEU A 517 24.09 18.67 -16.03
C LEU A 517 24.40 17.54 -15.06
N ASP A 518 25.35 17.72 -14.15
CA ASP A 518 25.73 16.66 -13.20
C ASP A 518 24.84 16.68 -11.96
N SER A 519 24.78 17.82 -11.27
CA SER A 519 23.97 17.91 -10.06
C SER A 519 22.48 17.93 -10.38
N THR A 520 22.10 18.45 -11.55
CA THR A 520 20.69 18.49 -11.92
C THR A 520 20.13 17.09 -12.13
N GLY A 521 20.90 16.21 -12.75
CA GLY A 521 20.45 14.85 -12.98
C GLY A 521 20.69 13.94 -11.79
N LYS A 522 20.00 14.19 -10.69
CA LYS A 522 20.09 13.38 -9.48
C LYS A 522 18.69 13.03 -9.01
N ASN A 523 18.61 12.01 -8.15
CA ASN A 523 17.31 11.47 -7.77
C ASN A 523 16.47 12.51 -7.02
N GLY A 524 17.09 13.27 -6.12
CA GLY A 524 16.38 14.22 -5.31
C GLY A 524 15.73 15.36 -6.08
N PRO A 525 16.55 16.15 -6.78
CA PRO A 525 15.97 17.23 -7.61
C PRO A 525 14.97 16.74 -8.64
N MET A 526 15.23 15.60 -9.27
CA MET A 526 14.31 15.08 -10.28
C MET A 526 12.99 14.66 -9.65
N LEU A 527 13.05 14.01 -8.48
CA LEU A 527 11.82 13.62 -7.78
C LEU A 527 11.02 14.85 -7.37
N ALA A 528 11.70 15.86 -6.84
CA ALA A 528 11.01 17.10 -6.46
C ALA A 528 10.34 17.74 -7.66
N GLY A 529 11.06 17.87 -8.77
CA GLY A 529 10.48 18.47 -9.97
C GLY A 529 9.31 17.68 -10.51
N ASN A 530 9.45 16.35 -10.57
CA ASN A 530 8.36 15.50 -11.08
C ASN A 530 7.10 15.65 -10.23
N LEU A 531 7.25 15.53 -8.91
CA LEU A 531 6.09 15.60 -8.03
C LEU A 531 5.43 16.96 -8.08
N VAL A 532 6.23 18.03 -8.04
CA VAL A 532 5.66 19.38 -8.08
C VAL A 532 4.94 19.61 -9.40
N ALA A 533 5.56 19.20 -10.52
CA ALA A 533 4.94 19.43 -11.82
C ALA A 533 3.62 18.69 -11.95
N ILE A 534 3.58 17.40 -11.57
CA ILE A 534 2.37 16.63 -11.78
C ILE A 534 1.27 17.03 -10.81
N LEU A 535 1.63 17.33 -9.55
CA LEU A 535 0.61 17.53 -8.52
C LEU A 535 -0.10 18.87 -8.65
N THR A 536 0.63 19.95 -8.94
CA THR A 536 0.02 21.27 -8.98
C THR A 536 -0.85 21.49 -10.21
N GLY A 537 -0.64 20.73 -11.29
CA GLY A 537 -1.47 20.89 -12.47
C GLY A 537 -2.86 20.31 -12.31
N GLY A 538 -3.02 19.35 -11.41
CA GLY A 538 -4.31 18.73 -11.19
C GLY A 538 -5.05 19.29 -9.99
N LEU A 539 -4.39 20.15 -9.22
CA LEU A 539 -5.02 20.79 -8.08
C LEU A 539 -5.64 22.13 -8.47
N ILE A 540 -4.94 22.92 -9.28
CA ILE A 540 -5.51 24.17 -9.77
C ILE A 540 -6.72 23.91 -10.65
N HIS A 541 -6.63 22.91 -11.54
CA HIS A 541 -7.73 22.60 -12.42
C HIS A 541 -8.93 22.06 -11.66
N ALA A 542 -8.70 21.32 -10.57
CA ALA A 542 -9.79 20.79 -9.77
C ALA A 542 -10.37 21.81 -8.80
N VAL A 543 -9.68 22.92 -8.56
CA VAL A 543 -10.21 23.96 -7.69
C VAL A 543 -10.95 25.02 -8.49
N CYS A 544 -10.41 25.43 -9.63
CA CYS A 544 -11.06 26.42 -10.47
C CYS A 544 -12.30 25.88 -11.17
N SER A 545 -12.52 24.57 -11.15
CA SER A 545 -13.68 23.97 -11.79
C SER A 545 -14.80 23.64 -10.81
N LEU A 546 -14.47 23.34 -9.56
CA LEU A 546 -15.50 23.14 -8.54
C LEU A 546 -16.18 24.45 -8.17
N VAL A 547 -15.56 25.59 -8.50
CA VAL A 547 -16.18 26.87 -8.23
C VAL A 547 -17.16 27.24 -9.35
N ARG A 548 -16.72 27.08 -10.60
CA ARG A 548 -17.54 27.39 -11.78
C ARG A 548 -17.57 26.16 -12.68
N PRO A 549 -18.42 25.18 -12.37
CA PRO A 549 -18.48 23.96 -13.19
C PRO A 549 -18.97 24.25 -14.59
N GLN A 550 -18.48 23.44 -15.54
CA GLN A 550 -18.91 23.48 -16.93
C GLN A 550 -19.52 22.11 -17.23
N ASN A 551 -20.82 21.98 -16.97
CA ASN A 551 -21.50 20.71 -17.17
C ASN A 551 -21.57 20.38 -18.65
N TYR A 552 -20.92 19.29 -19.05
CA TYR A 552 -20.76 18.92 -20.44
C TYR A 552 -21.30 17.51 -20.67
N ASP A 553 -22.01 17.34 -21.79
CA ASP A 553 -22.57 16.05 -22.17
C ASP A 553 -21.82 15.41 -23.35
N TRP A 554 -20.71 16.01 -23.76
CA TRP A 554 -19.90 15.50 -24.88
C TRP A 554 -20.70 15.42 -26.18
N SER A 555 -21.63 16.36 -26.36
CA SER A 555 -22.47 16.34 -27.55
C SER A 555 -21.71 16.82 -28.78
N THR A 556 -20.90 17.86 -28.63
CA THR A 556 -20.18 18.47 -29.78
C THR A 556 -18.97 17.64 -30.20
N THR A 557 -18.34 16.92 -29.28
CA THR A 557 -17.23 16.04 -29.66
C THR A 557 -17.71 14.81 -30.42
N ARG A 558 -18.98 14.46 -30.31
CA ARG A 558 -19.53 13.33 -31.04
C ARG A 558 -19.94 13.69 -32.46
N GLU A 559 -19.79 14.96 -32.85
CA GLU A 559 -20.14 15.42 -34.19
C GLU A 559 -18.92 15.84 -34.98
N ILE A 560 -17.74 15.33 -34.61
CA ILE A 560 -16.51 15.65 -35.32
C ILE A 560 -16.54 14.98 -36.68
N LYS A 561 -16.21 15.73 -37.73
CA LYS A 561 -16.22 15.23 -39.10
C LYS A 561 -15.33 14.01 -39.27
N LEU A 580 -26.95 -4.53 -28.13
CA LEU A 580 -26.86 -3.27 -28.84
C LEU A 580 -25.39 -3.03 -29.18
N ARG A 581 -24.87 -1.87 -28.82
CA ARG A 581 -23.46 -1.56 -28.98
C ARG A 581 -22.83 -1.04 -27.70
N GLU A 582 -23.55 -0.23 -26.92
CA GLU A 582 -23.03 0.24 -25.64
C GLU A 582 -23.03 -0.84 -24.57
N GLU A 583 -23.84 -1.88 -24.73
CA GLU A 583 -23.80 -3.01 -23.81
C GLU A 583 -22.45 -3.71 -23.89
N LYS A 584 -21.97 -3.98 -25.11
CA LYS A 584 -20.68 -4.61 -25.28
C LYS A 584 -19.56 -3.74 -24.71
N LEU A 585 -19.62 -2.43 -24.97
CA LEU A 585 -18.61 -1.47 -24.49
C LEU A 585 -18.72 -1.37 -22.97
N ARG A 586 -19.90 -1.48 -22.39
CA ARG A 586 -20.07 -1.52 -20.91
C ARG A 586 -19.58 -2.81 -20.28
N ARG A 587 -19.56 -3.93 -21.00
CA ARG A 587 -19.09 -5.24 -20.47
C ARG A 587 -17.58 -5.37 -20.68
N ALA A 588 -17.03 -4.74 -21.72
CA ALA A 588 -15.59 -4.64 -21.96
C ALA A 588 -14.92 -3.76 -20.92
N LYS A 589 -15.51 -2.61 -20.61
CA LYS A 589 -14.94 -1.73 -19.60
C LYS A 589 -14.95 -2.38 -18.23
N ALA A 590 -16.03 -3.08 -17.89
CA ALA A 590 -16.08 -3.77 -16.60
C ALA A 590 -14.99 -4.83 -16.50
N TRP A 591 -14.81 -5.63 -17.56
CA TRP A 591 -13.76 -6.64 -17.56
C TRP A 591 -12.38 -6.01 -17.43
N ILE A 592 -12.13 -4.94 -18.17
CA ILE A 592 -10.84 -4.28 -18.15
C ILE A 592 -10.54 -3.72 -16.76
N VAL A 593 -11.52 -3.06 -16.15
CA VAL A 593 -11.31 -2.46 -14.84
C VAL A 593 -11.11 -3.54 -13.78
N LYS A 594 -11.92 -4.60 -13.82
CA LYS A 594 -11.84 -5.62 -12.78
C LYS A 594 -10.54 -6.42 -12.87
N TRP A 595 -10.18 -6.87 -14.07
CA TRP A 595 -9.03 -7.75 -14.22
C TRP A 595 -7.71 -7.02 -14.41
N GLY A 596 -7.73 -5.71 -14.59
CA GLY A 596 -6.50 -4.95 -14.70
C GLY A 596 -6.00 -4.44 -13.37
N LEU A 597 -6.92 -4.25 -12.42
CA LEU A 597 -6.54 -3.78 -11.09
C LEU A 597 -5.93 -4.88 -10.25
N VAL A 598 -6.40 -6.13 -10.40
CA VAL A 598 -5.89 -7.23 -9.59
C VAL A 598 -4.41 -7.44 -9.86
N PHE A 599 -4.01 -7.47 -11.13
CA PHE A 599 -2.61 -7.69 -11.47
C PHE A 599 -1.76 -6.50 -11.08
N THR A 600 -2.29 -5.29 -11.20
CA THR A 600 -1.55 -4.11 -10.77
C THR A 600 -1.26 -4.17 -9.27
N ILE A 601 -2.27 -4.52 -8.47
CA ILE A 601 -2.07 -4.65 -7.03
C ILE A 601 -1.09 -5.78 -6.72
N LEU A 602 -1.23 -6.91 -7.40
CA LEU A 602 -0.37 -8.06 -7.13
C LEU A 602 1.09 -7.76 -7.43
N ILE A 603 1.36 -7.06 -8.54
CA ILE A 603 2.73 -6.85 -8.99
C ILE A 603 3.36 -5.63 -8.33
N VAL A 604 2.70 -4.48 -8.41
CA VAL A 604 3.34 -3.24 -7.95
C VAL A 604 3.37 -3.13 -6.43
N VAL A 605 2.51 -3.85 -5.70
CA VAL A 605 2.39 -3.64 -4.26
C VAL A 605 2.79 -4.88 -3.48
N ILE A 606 2.12 -6.00 -3.74
CA ILE A 606 2.28 -7.19 -2.89
C ILE A 606 3.66 -7.81 -3.09
N TRP A 607 4.09 -7.95 -4.34
CA TRP A 607 5.35 -8.64 -4.62
C TRP A 607 6.55 -7.94 -4.00
N PRO A 608 6.78 -6.63 -4.18
CA PRO A 608 7.91 -6.00 -3.49
C PRO A 608 7.80 -6.05 -1.97
N VAL A 609 6.58 -5.99 -1.43
CA VAL A 609 6.40 -6.03 0.02
C VAL A 609 6.82 -7.39 0.57
N LEU A 610 6.48 -8.46 -0.14
CA LEU A 610 6.82 -9.80 0.34
C LEU A 610 8.30 -10.10 0.26
N SER A 611 9.07 -9.34 -0.52
CA SER A 611 10.50 -9.57 -0.68
C SER A 611 11.36 -8.84 0.33
N LEU A 612 10.80 -7.86 1.03
CA LEU A 612 11.56 -7.16 2.06
C LEU A 612 12.03 -8.06 3.21
N PRO A 613 11.24 -9.01 3.72
CA PRO A 613 11.76 -9.88 4.79
C PRO A 613 12.96 -10.72 4.39
N ALA A 614 13.21 -10.88 3.09
CA ALA A 614 14.38 -11.65 2.66
C ALA A 614 15.69 -10.92 2.95
N ARG A 615 15.64 -9.61 3.22
CA ARG A 615 16.82 -8.80 3.51
C ARG A 615 17.86 -8.94 2.40
N VAL A 616 19.01 -9.51 2.73
CA VAL A 616 20.04 -9.80 1.74
C VAL A 616 19.80 -11.20 1.20
N PHE A 617 19.69 -11.31 -0.12
CA PHE A 617 19.35 -12.58 -0.75
C PHE A 617 20.39 -13.65 -0.43
N SER A 618 19.91 -14.86 -0.18
CA SER A 618 20.76 -16.02 0.06
C SER A 618 20.81 -16.90 -1.18
N ARG A 619 21.82 -17.76 -1.23
CA ARG A 619 21.92 -18.73 -2.32
C ARG A 619 20.81 -19.75 -2.15
N GLY A 620 19.77 -19.62 -2.97
CA GLY A 620 18.56 -20.39 -2.81
C GLY A 620 17.36 -19.49 -3.01
N TYR A 621 17.49 -18.24 -2.60
CA TYR A 621 16.52 -17.21 -2.98
C TYR A 621 16.90 -16.52 -4.28
N PHE A 622 18.20 -16.33 -4.53
CA PHE A 622 18.63 -15.81 -5.83
C PHE A 622 18.39 -16.82 -6.95
N TRP A 623 18.51 -18.12 -6.64
CA TRP A 623 18.16 -19.14 -7.62
C TRP A 623 16.70 -19.02 -8.04
N PHE A 624 15.80 -18.84 -7.05
CA PHE A 624 14.39 -18.65 -7.34
C PHE A 624 14.16 -17.36 -8.13
N TRP A 625 14.86 -16.29 -7.75
CA TRP A 625 14.69 -15.01 -8.42
C TRP A 625 15.12 -15.08 -9.89
N ALA A 626 16.20 -15.80 -10.18
CA ALA A 626 16.65 -15.94 -11.55
C ALA A 626 15.75 -16.89 -12.34
N ILE A 627 15.30 -17.97 -11.70
CA ILE A 627 14.43 -18.92 -12.38
C ILE A 627 13.10 -18.28 -12.76
N VAL A 628 12.60 -17.37 -11.92
CA VAL A 628 11.36 -16.67 -12.24
C VAL A 628 11.53 -15.87 -13.53
N ALA A 629 12.63 -15.12 -13.64
CA ALA A 629 12.86 -14.33 -14.84
C ALA A 629 13.03 -15.21 -16.07
N ILE A 630 13.79 -16.30 -15.94
CA ILE A 630 14.01 -17.18 -17.08
C ILE A 630 12.69 -17.78 -17.56
N ALA A 631 11.87 -18.27 -16.63
CA ALA A 631 10.59 -18.87 -16.99
C ALA A 631 9.67 -17.85 -17.61
N TRP A 632 9.60 -16.64 -17.04
CA TRP A 632 8.74 -15.59 -17.59
C TRP A 632 9.13 -15.28 -19.02
N GLY A 633 10.43 -15.06 -19.27
CA GLY A 633 10.86 -14.74 -20.62
C GLY A 633 10.59 -15.85 -21.61
N THR A 634 10.92 -17.10 -21.22
CA THR A 634 10.72 -18.22 -22.13
C THR A 634 9.25 -18.44 -22.46
N ILE A 635 8.38 -18.38 -21.44
CA ILE A 635 6.96 -18.61 -21.66
C ILE A 635 6.36 -17.49 -22.51
N GLY A 636 6.75 -16.24 -22.24
CA GLY A 636 6.25 -15.14 -23.04
C GLY A 636 6.68 -15.25 -24.50
N SER A 637 7.95 -15.61 -24.73
CA SER A 637 8.41 -15.78 -26.10
C SER A 637 7.68 -16.89 -26.80
N ILE A 638 7.47 -18.02 -26.13
CA ILE A 638 6.76 -19.15 -26.74
C ILE A 638 5.33 -18.74 -27.08
N VAL A 639 4.66 -18.04 -26.16
CA VAL A 639 3.27 -17.64 -26.40
C VAL A 639 3.18 -16.67 -27.58
N ILE A 640 4.07 -15.68 -27.62
CA ILE A 640 3.96 -14.67 -28.66
C ILE A 640 4.49 -15.14 -30.02
N ILE A 641 5.28 -16.21 -30.05
CA ILE A 641 5.81 -16.67 -31.33
C ILE A 641 4.93 -17.74 -31.95
N GLY A 642 4.42 -18.68 -31.15
CA GLY A 642 3.70 -19.82 -31.70
C GLY A 642 2.19 -19.68 -31.75
N LEU A 643 1.59 -19.14 -30.68
CA LEU A 643 0.14 -19.06 -30.62
C LEU A 643 -0.48 -18.24 -31.75
N PRO A 644 0.06 -17.09 -32.16
CA PRO A 644 -0.54 -16.39 -33.32
C PRO A 644 -0.59 -17.24 -34.58
N LEU A 645 0.36 -18.15 -34.76
CA LEU A 645 0.28 -19.07 -35.89
C LEU A 645 -0.93 -19.98 -35.78
N VAL A 646 -1.21 -20.46 -34.57
CA VAL A 646 -2.36 -21.33 -34.33
C VAL A 646 -3.65 -20.53 -34.41
N PRO B 5 22.68 7.71 41.52
CA PRO B 5 21.58 8.44 40.90
C PRO B 5 21.94 9.01 39.54
N PRO B 6 21.68 8.25 38.47
CA PRO B 6 22.03 8.74 37.13
C PRO B 6 21.31 10.02 36.73
N PHE B 7 20.09 10.23 37.22
CA PHE B 7 19.30 11.38 36.85
C PHE B 7 18.89 12.18 38.08
N ASP B 8 18.79 13.49 37.91
CA ASP B 8 18.41 14.38 39.01
C ASP B 8 16.92 14.31 39.33
N PHE B 9 16.09 14.07 38.32
CA PHE B 9 14.64 14.11 38.49
C PHE B 9 14.05 12.80 39.01
N SER B 10 14.85 11.74 39.12
CA SER B 10 14.36 10.43 39.55
C SER B 10 15.24 9.87 40.66
N THR B 11 15.62 10.72 41.61
CA THR B 11 16.50 10.28 42.69
C THR B 11 15.76 9.41 43.71
N LYS B 12 14.46 9.63 43.88
CA LYS B 12 13.70 8.92 44.90
C LYS B 12 13.52 7.44 44.60
N TYR B 13 13.83 7.00 43.39
CA TYR B 13 13.70 5.60 42.99
C TYR B 13 14.99 4.82 43.10
N TYR B 14 16.06 5.43 43.60
CA TYR B 14 17.35 4.75 43.72
C TYR B 14 17.79 4.62 45.17
N ARG B 22 17.27 1.26 40.10
CA ARG B 22 17.66 0.29 41.12
C ARG B 22 16.44 -0.49 41.61
N GLN B 23 15.33 0.22 41.79
CA GLN B 23 14.07 -0.42 42.17
C GLN B 23 13.61 -1.37 41.07
N SER B 24 13.17 -2.56 41.47
CA SER B 24 12.76 -3.58 40.50
C SER B 24 11.30 -3.49 40.11
N SER B 25 10.50 -2.67 40.78
CA SER B 25 9.08 -2.58 40.50
C SER B 25 8.53 -1.26 41.03
N PHE B 26 7.39 -0.84 40.48
CA PHE B 26 6.77 0.39 40.93
C PHE B 26 5.86 0.16 42.13
N PHE B 27 5.02 -0.87 42.06
CA PHE B 27 4.09 -1.19 43.14
C PHE B 27 4.70 -2.29 43.99
N GLY B 28 5.15 -1.93 45.19
CA GLY B 28 5.75 -2.89 46.10
C GLY B 28 5.34 -2.68 47.53
N GLY B 29 4.13 -2.16 47.75
CA GLY B 29 3.63 -1.88 49.07
C GLY B 29 3.31 -0.41 49.26
N THR B 30 2.69 -0.14 50.42
CA THR B 30 2.27 1.22 50.80
C THR B 30 1.33 1.81 49.75
N THR B 31 0.16 1.18 49.64
CA THR B 31 -0.81 1.55 48.63
C THR B 31 -1.31 2.97 48.85
N VAL B 32 -1.71 3.63 47.77
CA VAL B 32 -2.17 5.02 47.83
C VAL B 32 -3.48 5.11 48.58
N LEU B 33 -4.41 4.20 48.31
CA LEU B 33 -5.71 4.18 48.95
C LEU B 33 -5.84 2.94 49.85
N ASP B 34 -6.93 2.91 50.61
CA ASP B 34 -7.19 1.82 51.53
C ASP B 34 -8.14 0.79 50.91
N GLN B 35 -8.30 -0.33 51.61
CA GLN B 35 -9.11 -1.43 51.10
C GLN B 35 -10.60 -1.10 51.09
N GLY B 36 -11.05 -0.20 51.96
CA GLY B 36 -12.46 0.15 51.97
C GLY B 36 -12.92 0.76 50.66
N VAL B 37 -12.12 1.65 50.09
CA VAL B 37 -12.45 2.27 48.81
C VAL B 37 -12.48 1.20 47.71
N GLY B 38 -11.55 0.26 47.74
CA GLY B 38 -11.53 -0.80 46.75
C GLY B 38 -12.77 -1.67 46.82
N TYR B 39 -13.15 -2.09 48.02
CA TYR B 39 -14.37 -2.89 48.17
C TYR B 39 -15.60 -2.11 47.75
N ALA B 40 -15.68 -0.83 48.12
CA ALA B 40 -16.82 -0.02 47.72
C ALA B 40 -16.91 0.10 46.20
N VAL B 41 -15.77 0.33 45.54
CA VAL B 41 -15.78 0.47 44.08
C VAL B 41 -16.19 -0.83 43.43
N ILE B 42 -15.64 -1.96 43.89
CA ILE B 42 -15.95 -3.24 43.25
C ILE B 42 -17.32 -3.77 43.62
N LEU B 43 -17.99 -3.21 44.63
CA LEU B 43 -19.32 -3.69 45.01
C LEU B 43 -20.44 -2.76 44.57
N GLY B 44 -20.40 -1.48 44.95
CA GLY B 44 -21.54 -0.60 44.78
C GLY B 44 -21.67 0.11 43.46
N PHE B 45 -20.71 -0.05 42.54
CA PHE B 45 -20.80 0.64 41.26
C PHE B 45 -22.02 0.20 40.47
N GLY B 46 -22.27 -1.11 40.43
CA GLY B 46 -23.42 -1.63 39.70
C GLY B 46 -24.74 -1.12 40.26
N ALA B 47 -24.88 -1.17 41.59
CA ALA B 47 -26.12 -0.68 42.22
C ALA B 47 -26.29 0.81 41.99
N PHE B 48 -25.21 1.59 42.12
CA PHE B 48 -25.29 3.03 41.92
C PHE B 48 -25.76 3.35 40.51
N PHE B 49 -25.16 2.70 39.50
CA PHE B 49 -25.59 3.09 38.13
C PHE B 49 -26.97 2.49 37.82
N ALA B 50 -27.31 1.35 38.43
CA ALA B 50 -28.67 0.85 38.23
C ALA B 50 -29.70 1.85 38.73
N VAL B 51 -29.47 2.42 39.91
CA VAL B 51 -30.38 3.45 40.43
C VAL B 51 -30.36 4.68 39.52
N PHE B 52 -29.18 5.07 39.04
CA PHE B 52 -29.07 6.21 38.15
C PHE B 52 -29.82 5.97 36.84
N THR B 53 -29.72 4.77 36.29
CA THR B 53 -30.43 4.45 35.05
C THR B 53 -31.94 4.39 35.29
N SER B 54 -32.36 3.92 36.46
CA SER B 54 -33.79 3.96 36.78
C SER B 54 -34.30 5.39 36.82
N PHE B 55 -33.55 6.29 37.45
CA PHE B 55 -33.93 7.69 37.47
C PHE B 55 -33.92 8.29 36.06
N LEU B 56 -32.95 7.90 35.24
CA LEU B 56 -32.87 8.39 33.87
C LEU B 56 -34.09 7.94 33.06
N VAL B 57 -34.50 6.69 33.23
CA VAL B 57 -35.70 6.20 32.55
C VAL B 57 -36.93 6.94 33.05
N TRP B 58 -37.01 7.19 34.37
CA TRP B 58 -38.17 7.89 34.90
C TRP B 58 -38.27 9.30 34.35
N LEU B 59 -37.15 10.00 34.25
CA LEU B 59 -37.18 11.36 33.71
C LEU B 59 -37.39 11.36 32.19
N GLU B 60 -36.94 10.30 31.51
CA GLU B 60 -37.19 10.19 30.08
C GLU B 60 -38.67 10.04 29.77
N LYS B 61 -39.38 9.25 30.58
CA LYS B 61 -40.81 9.05 30.39
C LYS B 61 -41.61 10.17 31.04
N THR B 82 -27.74 12.45 14.63
CA THR B 82 -26.42 11.97 14.25
C THR B 82 -25.41 12.18 15.38
N GLY B 83 -25.89 12.70 16.50
CA GLY B 83 -25.04 12.90 17.66
C GLY B 83 -25.29 11.87 18.75
N LEU B 84 -26.55 11.51 18.94
CA LEU B 84 -26.88 10.46 19.90
C LEU B 84 -26.43 9.09 19.39
N ILE B 85 -26.56 8.87 18.09
CA ILE B 85 -26.10 7.60 17.50
C ILE B 85 -24.58 7.49 17.62
N ALA B 86 -23.86 8.59 17.42
CA ALA B 86 -22.41 8.56 17.58
C ALA B 86 -22.02 8.25 19.02
N SER B 87 -22.73 8.84 19.98
CA SER B 87 -22.44 8.56 21.39
C SER B 87 -22.74 7.11 21.72
N VAL B 88 -23.79 6.54 21.14
CA VAL B 88 -24.09 5.14 21.33
C VAL B 88 -22.96 4.28 20.76
N ILE B 89 -22.48 4.60 19.56
CA ILE B 89 -21.41 3.80 18.90
C ILE B 89 -20.15 3.85 19.77
N VAL B 90 -19.79 5.04 20.26
CA VAL B 90 -18.54 5.16 21.02
C VAL B 90 -18.62 4.34 22.31
N SER B 91 -19.80 4.27 22.92
CA SER B 91 -19.92 3.65 24.24
C SER B 91 -19.73 2.13 24.18
N GLN B 92 -20.02 1.50 23.06
CA GLN B 92 -19.90 0.06 22.93
C GLN B 92 -18.56 -0.39 22.36
N TRP B 93 -17.63 0.53 22.12
CA TRP B 93 -16.34 0.18 21.55
C TRP B 93 -15.17 0.43 22.50
N THR B 94 -15.41 1.04 23.65
CA THR B 94 -14.37 1.31 24.63
C THR B 94 -14.36 0.18 25.66
N TRP B 95 -13.33 -0.65 25.62
CA TRP B 95 -13.16 -1.78 26.51
C TRP B 95 -12.07 -1.44 27.53
N ALA B 96 -11.74 -2.42 28.38
CA ALA B 96 -10.61 -2.24 29.30
C ALA B 96 -9.28 -2.26 28.57
N ALA B 97 -9.20 -2.91 27.40
CA ALA B 97 -7.95 -2.93 26.65
C ALA B 97 -7.69 -1.60 25.95
N THR B 98 -8.74 -0.84 25.65
CA THR B 98 -8.56 0.45 25.00
C THR B 98 -7.78 1.43 25.87
N ILE B 99 -7.81 1.22 27.18
CA ILE B 99 -7.12 2.09 28.12
C ILE B 99 -5.76 1.51 28.53
N LEU B 100 -5.74 0.25 28.93
CA LEU B 100 -4.55 -0.36 29.50
C LEU B 100 -3.60 -0.91 28.45
N GLN B 101 -4.11 -1.52 27.39
CA GLN B 101 -3.25 -2.14 26.39
C GLN B 101 -2.61 -1.11 25.47
N SER B 102 -3.32 -0.02 25.15
CA SER B 102 -2.77 0.98 24.24
C SER B 102 -1.56 1.69 24.84
N SER B 103 -1.52 1.85 26.16
CA SER B 103 -0.35 2.40 26.82
C SER B 103 0.76 1.38 27.02
N ASN B 104 0.43 0.09 26.93
CA ASN B 104 1.45 -0.95 27.04
C ASN B 104 2.39 -0.92 25.84
N VAL B 105 1.83 -0.74 24.65
CA VAL B 105 2.62 -0.73 23.42
C VAL B 105 3.13 0.67 23.14
N ALA B 106 2.90 1.59 24.07
CA ALA B 106 3.53 2.91 24.06
C ALA B 106 4.76 2.96 24.95
N TRP B 107 4.72 2.26 26.08
CA TRP B 107 5.93 2.09 26.89
C TRP B 107 7.01 1.36 26.12
N GLN B 108 6.62 0.47 25.21
CA GLN B 108 7.51 -0.12 24.23
C GLN B 108 7.31 0.59 22.89
N TYR B 109 8.34 0.54 22.05
CA TYR B 109 8.26 0.99 20.66
C TYR B 109 8.07 2.51 20.55
N GLY B 110 7.89 3.19 21.66
CA GLY B 110 7.74 4.64 21.65
C GLY B 110 6.51 5.20 21.00
N VAL B 111 6.69 5.84 19.84
CA VAL B 111 5.65 6.69 19.27
C VAL B 111 4.68 5.95 18.34
N SER B 112 5.07 4.81 17.78
CA SER B 112 4.24 4.11 16.81
C SER B 112 3.19 3.20 17.43
N GLY B 113 3.31 2.88 18.72
CA GLY B 113 2.40 1.98 19.37
C GLY B 113 0.97 2.47 19.45
N PRO B 114 0.77 3.68 19.99
CA PRO B 114 -0.59 4.25 19.99
C PRO B 114 -1.19 4.36 18.60
N PHE B 115 -0.40 4.72 17.59
CA PHE B 115 -0.92 4.83 16.23
C PHE B 115 -1.35 3.47 15.70
N TRP B 116 -0.52 2.45 15.88
CA TRP B 116 -0.87 1.13 15.37
C TRP B 116 -2.03 0.51 16.14
N TYR B 117 -2.21 0.87 17.41
CA TYR B 117 -3.38 0.41 18.14
C TYR B 117 -4.65 1.11 17.66
N ALA B 118 -4.59 2.43 17.50
CA ALA B 118 -5.77 3.20 17.13
C ALA B 118 -6.16 3.01 15.67
N SER B 119 -5.31 2.41 14.85
CA SER B 119 -5.59 2.27 13.39
C SER B 119 -6.69 1.24 13.13
N GLY B 120 -7.07 0.44 14.13
CA GLY B 120 -8.16 -0.50 13.96
C GLY B 120 -9.51 0.11 14.27
N ALA B 121 -9.80 1.26 13.67
CA ALA B 121 -11.06 1.96 13.88
C ALA B 121 -11.81 2.23 12.59
N THR B 122 -11.11 2.48 11.48
CA THR B 122 -11.78 2.71 10.21
C THR B 122 -12.34 1.41 9.63
N ILE B 123 -11.72 0.28 9.96
CA ILE B 123 -12.25 -1.02 9.53
C ILE B 123 -13.56 -1.33 10.23
N GLN B 124 -13.65 -0.96 11.52
CA GLN B 124 -14.83 -1.28 12.30
C GLN B 124 -16.08 -0.60 11.77
N VAL B 125 -15.97 0.67 11.37
CA VAL B 125 -17.14 1.38 10.87
C VAL B 125 -17.61 0.77 9.55
N LEU B 126 -16.68 0.41 8.68
CA LEU B 126 -17.07 -0.24 7.39
C LEU B 126 -17.78 -1.57 7.71
N LEU B 127 -17.18 -2.41 8.54
CA LEU B 127 -17.76 -3.71 8.81
C LEU B 127 -19.13 -3.58 9.47
N PHE B 128 -19.26 -2.66 10.43
CA PHE B 128 -20.54 -2.45 11.10
C PHE B 128 -21.61 -1.97 10.13
N GLY B 129 -21.27 -1.01 9.27
CA GLY B 129 -22.23 -0.53 8.30
C GLY B 129 -22.68 -1.62 7.34
N VAL B 130 -21.72 -2.39 6.82
CA VAL B 130 -22.06 -3.45 5.87
C VAL B 130 -22.92 -4.51 6.55
N MET B 131 -22.57 -4.90 7.77
CA MET B 131 -23.35 -5.90 8.49
C MET B 131 -24.77 -5.41 8.76
N ALA B 132 -24.91 -4.17 9.19
CA ALA B 132 -26.23 -3.63 9.48
C ALA B 132 -27.08 -3.54 8.22
N ILE B 133 -26.46 -3.15 7.10
CA ILE B 133 -27.22 -3.06 5.85
C ILE B 133 -27.65 -4.44 5.38
N GLU B 134 -26.74 -5.42 5.41
CA GLU B 134 -27.04 -6.73 4.85
C GLU B 134 -27.92 -7.58 5.76
N ILE B 135 -27.99 -7.30 7.05
CA ILE B 135 -28.93 -8.09 7.91
C ILE B 135 -30.36 -7.69 7.56
N LYS B 136 -30.67 -6.41 7.33
CA LYS B 136 -32.03 -5.92 6.98
C LYS B 136 -32.53 -6.53 5.68
N ARG B 137 -31.69 -6.67 4.66
CA ARG B 137 -32.06 -7.20 3.36
C ARG B 137 -31.94 -8.74 3.30
N LYS B 138 -31.67 -9.49 4.37
CA LYS B 138 -31.65 -10.98 4.31
C LYS B 138 -32.14 -11.68 5.58
N ALA B 139 -32.25 -11.01 6.75
CA ALA B 139 -32.74 -11.65 7.97
C ALA B 139 -33.18 -10.58 8.97
N PRO B 140 -34.35 -9.96 8.76
CA PRO B 140 -34.74 -8.84 9.62
C PRO B 140 -35.37 -9.23 10.95
N ASN B 141 -35.67 -10.51 11.18
CA ASN B 141 -36.34 -10.94 12.40
C ASN B 141 -35.51 -11.94 13.19
N ALA B 142 -34.19 -11.79 13.16
CA ALA B 142 -33.29 -12.67 13.89
C ALA B 142 -32.81 -12.01 15.18
N HIS B 143 -32.38 -12.83 16.13
CA HIS B 143 -31.84 -12.36 17.39
C HIS B 143 -30.35 -12.62 17.56
N THR B 144 -29.85 -13.74 17.05
CA THR B 144 -28.45 -14.12 17.21
C THR B 144 -27.87 -14.51 15.86
N VAL B 145 -26.53 -14.49 15.78
CA VAL B 145 -25.86 -14.90 14.55
C VAL B 145 -26.05 -16.40 14.32
N CYS B 146 -26.11 -17.19 15.38
CA CYS B 146 -26.24 -18.63 15.24
C CYS B 146 -27.62 -19.06 14.77
N GLU B 147 -28.61 -18.16 14.78
CA GLU B 147 -29.91 -18.46 14.19
C GLU B 147 -29.86 -18.42 12.68
N ILE B 148 -28.91 -17.70 12.09
CA ILE B 148 -28.76 -17.67 10.64
C ILE B 148 -27.98 -18.88 10.14
N VAL B 149 -27.03 -19.36 10.94
CA VAL B 149 -26.25 -20.54 10.55
C VAL B 149 -27.17 -21.76 10.45
N LYS B 150 -28.11 -21.90 11.38
CA LYS B 150 -29.06 -23.01 11.32
C LYS B 150 -30.01 -22.87 10.13
N ALA B 151 -30.35 -21.64 9.75
CA ALA B 151 -31.28 -21.44 8.65
C ALA B 151 -30.62 -21.74 7.30
N ARG B 152 -29.48 -21.11 7.04
CA ARG B 152 -28.77 -21.31 5.77
C ARG B 152 -28.31 -22.75 5.60
N TRP B 153 -27.39 -23.19 6.45
CA TRP B 153 -26.84 -24.53 6.38
C TRP B 153 -27.60 -25.44 7.34
N GLY B 154 -27.08 -26.63 7.60
CA GLY B 154 -27.78 -27.62 8.38
C GLY B 154 -27.65 -27.49 9.89
N THR B 155 -27.63 -28.62 10.60
CA THR B 155 -27.54 -28.63 12.08
C THR B 155 -26.11 -28.90 12.55
N ALA B 156 -25.38 -29.80 11.88
CA ALA B 156 -24.03 -30.10 12.34
C ALA B 156 -23.14 -28.86 12.33
N THR B 157 -23.33 -27.97 11.35
CA THR B 157 -22.60 -26.72 11.34
C THR B 157 -23.13 -25.70 12.34
N HIS B 158 -24.36 -25.87 12.80
CA HIS B 158 -24.89 -25.01 13.85
C HIS B 158 -24.16 -25.25 15.18
N ILE B 159 -23.92 -26.51 15.51
CA ILE B 159 -23.22 -26.83 16.75
C ILE B 159 -21.76 -26.42 16.67
N VAL B 160 -21.14 -26.58 15.51
CA VAL B 160 -19.72 -26.28 15.36
C VAL B 160 -19.45 -24.79 15.59
N PHE B 161 -20.28 -23.93 14.99
CA PHE B 161 -20.12 -22.50 15.16
C PHE B 161 -20.74 -21.99 16.46
N LEU B 162 -21.54 -22.81 17.14
CA LEU B 162 -22.01 -22.46 18.47
C LEU B 162 -20.90 -22.59 19.51
N VAL B 163 -19.85 -23.37 19.21
CA VAL B 163 -18.72 -23.50 20.11
C VAL B 163 -17.70 -22.38 19.89
N PHE B 164 -17.53 -21.93 18.65
CA PHE B 164 -16.63 -20.82 18.37
C PHE B 164 -17.20 -19.49 18.83
N CYS B 165 -18.51 -19.41 19.07
CA CYS B 165 -19.11 -18.16 19.53
C CYS B 165 -19.02 -18.03 21.05
N LEU B 166 -19.17 -19.14 21.76
CA LEU B 166 -19.05 -19.10 23.22
C LEU B 166 -17.59 -18.93 23.65
N ALA B 167 -16.65 -19.49 22.90
CA ALA B 167 -15.24 -19.34 23.22
C ALA B 167 -14.80 -17.89 23.11
N THR B 168 -15.31 -17.17 22.11
CA THR B 168 -14.98 -15.75 21.97
C THR B 168 -15.46 -14.95 23.18
N ASN B 169 -16.69 -15.22 23.63
CA ASN B 169 -17.21 -14.52 24.80
C ASN B 169 -16.40 -14.87 26.05
N VAL B 170 -16.03 -16.15 26.20
CA VAL B 170 -15.24 -16.54 27.37
C VAL B 170 -13.88 -15.85 27.36
N VAL B 171 -13.22 -15.79 26.20
CA VAL B 171 -11.89 -15.18 26.13
C VAL B 171 -11.99 -13.68 26.33
N VAL B 172 -13.00 -13.03 25.74
CA VAL B 172 -13.11 -11.58 25.82
C VAL B 172 -13.49 -11.14 27.23
N THR B 173 -14.40 -11.87 27.88
CA THR B 173 -14.77 -11.51 29.25
C THR B 173 -13.63 -11.74 30.24
N ALA B 174 -12.80 -12.74 29.99
CA ALA B 174 -11.66 -12.98 30.87
C ALA B 174 -10.57 -11.93 30.73
N MET B 175 -10.61 -11.15 29.65
CA MET B 175 -9.61 -10.08 29.48
C MET B 175 -9.91 -8.88 30.37
N LEU B 176 -11.18 -8.53 30.54
CA LEU B 176 -11.54 -7.39 31.37
C LEU B 176 -11.68 -7.74 32.84
N LEU B 177 -11.63 -9.02 33.20
CA LEU B 177 -11.60 -9.42 34.60
C LEU B 177 -10.18 -9.53 35.13
N LEU B 178 -9.18 -9.61 34.26
CA LEU B 178 -7.79 -9.64 34.70
C LEU B 178 -7.26 -8.22 34.91
N GLY B 179 -7.48 -7.34 33.94
CA GLY B 179 -6.97 -5.98 34.04
C GLY B 179 -7.62 -5.19 35.17
N GLY B 180 -8.94 -5.32 35.32
CA GLY B 180 -9.62 -4.60 36.39
C GLY B 180 -9.15 -5.06 37.76
N SER B 181 -9.03 -6.38 37.95
CA SER B 181 -8.55 -6.90 39.23
C SER B 181 -7.12 -6.47 39.50
N ALA B 182 -6.27 -6.49 38.48
CA ALA B 182 -4.89 -6.06 38.66
C ALA B 182 -4.82 -4.60 39.08
N VAL B 183 -5.59 -3.73 38.42
CA VAL B 183 -5.56 -2.31 38.73
C VAL B 183 -6.10 -2.07 40.14
N VAL B 184 -7.20 -2.73 40.50
CA VAL B 184 -7.78 -2.54 41.84
C VAL B 184 -6.80 -2.99 42.92
N ASN B 185 -6.18 -4.15 42.73
CA ASN B 185 -5.23 -4.64 43.72
C ASN B 185 -4.01 -3.74 43.81
N ALA B 186 -3.54 -3.21 42.68
CA ALA B 186 -2.39 -2.32 42.69
C ALA B 186 -2.70 -1.01 43.41
N LEU B 187 -3.90 -0.47 43.21
CA LEU B 187 -4.22 0.84 43.78
C LEU B 187 -4.63 0.75 45.25
N THR B 188 -5.63 -0.09 45.56
CA THR B 188 -6.25 -0.08 46.89
C THR B 188 -5.77 -1.22 47.78
N GLY B 189 -4.93 -2.12 47.28
CA GLY B 189 -4.42 -3.19 48.11
C GLY B 189 -5.40 -4.31 48.42
N VAL B 190 -6.56 -4.32 47.77
CA VAL B 190 -7.53 -5.39 47.98
C VAL B 190 -6.94 -6.71 47.49
N ASN B 191 -7.36 -7.80 48.12
CA ASN B 191 -6.88 -9.13 47.74
C ASN B 191 -7.17 -9.40 46.27
N LEU B 192 -6.20 -10.01 45.60
CA LEU B 192 -6.32 -10.23 44.15
C LEU B 192 -7.37 -11.29 43.83
N TYR B 193 -7.44 -12.35 44.64
CA TYR B 193 -8.36 -13.44 44.36
C TYR B 193 -9.78 -13.14 44.83
N ALA B 194 -9.97 -12.14 45.69
CA ALA B 194 -11.31 -11.70 46.08
C ALA B 194 -11.91 -10.72 45.08
N ALA B 195 -11.08 -9.90 44.43
CA ALA B 195 -11.58 -8.99 43.41
C ALA B 195 -12.04 -9.74 42.17
N SER B 196 -11.34 -10.82 41.82
CA SER B 196 -11.65 -11.56 40.59
C SER B 196 -13.06 -12.15 40.65
N PHE B 197 -13.48 -12.61 41.83
CA PHE B 197 -14.82 -13.18 41.96
C PHE B 197 -15.88 -12.12 42.21
N LEU B 198 -15.52 -11.01 42.85
CA LEU B 198 -16.50 -9.99 43.22
C LEU B 198 -16.77 -8.97 42.13
N ILE B 199 -15.86 -8.83 41.15
CA ILE B 199 -16.13 -7.91 40.04
C ILE B 199 -17.32 -8.36 39.20
N PRO B 200 -17.45 -9.63 38.78
CA PRO B 200 -18.60 -10.00 37.95
C PRO B 200 -19.95 -9.85 38.65
N LEU B 201 -19.99 -9.90 39.98
CA LEU B 201 -21.26 -9.76 40.69
C LEU B 201 -21.87 -8.39 40.51
N GLY B 202 -21.04 -7.34 40.54
CA GLY B 202 -21.55 -6.00 40.29
C GLY B 202 -22.12 -5.84 38.90
N VAL B 203 -21.46 -6.42 37.91
CA VAL B 203 -21.96 -6.36 36.53
C VAL B 203 -23.25 -7.15 36.41
N VAL B 204 -23.35 -8.29 37.10
CA VAL B 204 -24.59 -9.07 37.10
C VAL B 204 -25.73 -8.27 37.70
N VAL B 205 -25.48 -7.60 38.82
CA VAL B 205 -26.51 -6.78 39.46
C VAL B 205 -26.93 -5.65 38.53
N TYR B 206 -25.97 -5.01 37.87
CA TYR B 206 -26.28 -3.92 36.95
C TYR B 206 -27.11 -4.42 35.77
N THR B 207 -26.78 -5.60 35.24
CA THR B 207 -27.48 -6.11 34.06
C THR B 207 -28.88 -6.60 34.40
N LEU B 208 -29.05 -7.25 35.56
CA LEU B 208 -30.36 -7.76 35.94
C LEU B 208 -31.37 -6.64 36.12
N ALA B 209 -30.93 -5.50 36.63
CA ALA B 209 -31.77 -4.30 36.71
C ALA B 209 -31.76 -3.63 35.34
N GLY B 210 -32.30 -2.43 35.25
CA GLY B 210 -32.22 -1.66 34.02
C GLY B 210 -30.83 -1.64 33.43
N GLY B 211 -30.72 -1.78 32.12
CA GLY B 211 -29.43 -1.95 31.49
C GLY B 211 -29.45 -2.90 30.31
N LEU B 212 -30.62 -3.47 30.00
CA LEU B 212 -30.81 -4.22 28.77
C LEU B 212 -30.86 -3.26 27.60
N LYS B 213 -29.73 -2.61 27.31
CA LYS B 213 -29.58 -1.43 26.47
C LYS B 213 -30.21 -0.20 27.09
N ALA B 214 -30.88 -0.34 28.24
CA ALA B 214 -31.45 0.75 29.03
C ALA B 214 -32.07 1.71 28.02
N THR B 215 -31.62 2.96 28.04
CA THR B 215 -32.10 4.01 27.15
C THR B 215 -30.98 4.62 26.33
N PHE B 216 -31.25 5.80 25.77
CA PHE B 216 -30.26 6.52 24.98
C PHE B 216 -29.44 7.50 25.81
N LEU B 217 -29.67 7.58 27.11
CA LEU B 217 -28.98 8.54 27.98
C LEU B 217 -27.80 7.93 28.73
N ALA B 218 -27.84 6.64 29.03
CA ALA B 218 -26.72 6.01 29.72
C ALA B 218 -25.45 6.06 28.87
N SER B 219 -25.60 5.86 27.56
CA SER B 219 -24.45 5.98 26.67
C SER B 219 -23.92 7.41 26.67
N TYR B 220 -24.80 8.40 26.70
CA TYR B 220 -24.36 9.79 26.76
C TYR B 220 -23.57 10.06 28.05
N VAL B 221 -24.05 9.57 29.19
CA VAL B 221 -23.34 9.78 30.45
C VAL B 221 -21.98 9.11 30.42
N HIS B 222 -21.94 7.87 29.92
CA HIS B 222 -20.67 7.13 29.85
C HIS B 222 -19.66 7.87 28.97
N SER B 223 -20.11 8.32 27.80
CA SER B 223 -19.22 9.03 26.89
C SER B 223 -18.74 10.34 27.50
N VAL B 224 -19.63 11.07 28.18
CA VAL B 224 -19.24 12.34 28.78
C VAL B 224 -18.17 12.13 29.84
N ILE B 225 -18.36 11.14 30.70
CA ILE B 225 -17.37 10.89 31.76
C ILE B 225 -16.04 10.47 31.15
N VAL B 226 -16.07 9.56 30.17
CA VAL B 226 -14.84 9.08 29.57
C VAL B 226 -14.08 10.22 28.90
N HIS B 227 -14.79 11.08 28.17
CA HIS B 227 -14.11 12.14 27.44
C HIS B 227 -13.62 13.26 28.36
N VAL B 228 -14.33 13.52 29.46
CA VAL B 228 -13.83 14.49 30.44
C VAL B 228 -12.53 13.99 31.05
N ALA B 229 -12.50 12.71 31.45
CA ALA B 229 -11.28 12.15 32.00
C ALA B 229 -10.14 12.19 30.99
N LEU B 230 -10.44 11.84 29.73
CA LEU B 230 -9.41 11.87 28.69
C LEU B 230 -8.85 13.27 28.50
N VAL B 231 -9.72 14.28 28.45
CA VAL B 231 -9.26 15.65 28.24
C VAL B 231 -8.38 16.11 29.40
N VAL B 232 -8.79 15.81 30.64
CA VAL B 232 -7.99 16.22 31.79
C VAL B 232 -6.61 15.55 31.75
N PHE B 233 -6.55 14.24 31.48
CA PHE B 233 -5.24 13.55 31.48
C PHE B 233 -4.37 14.09 30.34
N VAL B 234 -4.97 14.33 29.17
CA VAL B 234 -4.15 14.81 28.05
C VAL B 234 -3.58 16.19 28.37
N PHE B 235 -4.41 17.09 28.89
CA PHE B 235 -3.94 18.45 29.13
C PHE B 235 -3.04 18.55 30.36
N LEU B 236 -3.05 17.55 31.25
CA LEU B 236 -2.15 17.61 32.40
C LEU B 236 -0.69 17.46 31.99
N VAL B 237 -0.38 16.47 31.13
CA VAL B 237 1.01 16.10 30.90
C VAL B 237 1.72 16.97 29.87
N TYR B 238 1.00 17.79 29.11
CA TYR B 238 1.62 18.61 28.08
C TYR B 238 1.54 20.11 28.35
N THR B 239 0.71 20.55 29.27
CA THR B 239 0.53 21.98 29.45
C THR B 239 0.72 22.46 30.88
N SER B 240 0.26 21.69 31.87
CA SER B 240 0.11 22.22 33.22
C SER B 240 0.99 21.56 34.27
N SER B 241 1.41 20.30 34.07
CA SER B 241 2.16 19.60 35.10
C SER B 241 3.49 20.29 35.38
N LYS B 242 3.89 20.29 36.65
CA LYS B 242 5.16 20.90 37.02
C LYS B 242 6.35 20.06 36.56
N GLU B 243 6.22 18.73 36.62
CA GLU B 243 7.31 17.86 36.20
C GLU B 243 7.42 17.78 34.68
N LEU B 244 6.28 17.72 33.97
CA LEU B 244 6.25 17.60 32.51
C LEU B 244 5.17 18.56 32.01
N GLY B 245 5.58 19.79 31.68
CA GLY B 245 4.60 20.79 31.30
C GLY B 245 4.69 21.29 29.87
N SER B 246 5.56 20.71 29.07
CA SER B 246 5.76 21.17 27.70
C SER B 246 6.04 19.98 26.80
N PRO B 247 5.71 20.07 25.50
CA PRO B 247 6.18 19.06 24.55
C PRO B 247 7.69 19.10 24.31
N SER B 248 8.38 20.15 24.78
CA SER B 248 9.82 20.24 24.63
C SER B 248 10.57 19.64 25.83
N VAL B 249 9.87 19.27 26.89
CA VAL B 249 10.49 18.56 28.01
C VAL B 249 10.42 17.05 27.80
N VAL B 250 9.29 16.56 27.28
CA VAL B 250 9.17 15.15 26.94
C VAL B 250 10.18 14.78 25.86
N TYR B 251 10.34 15.65 24.86
CA TYR B 251 11.33 15.39 23.81
C TYR B 251 12.75 15.34 24.38
N ASP B 252 13.07 16.28 25.26
CA ASP B 252 14.41 16.31 25.84
C ASP B 252 14.68 15.11 26.72
N ARG B 253 13.66 14.64 27.44
CA ARG B 253 13.87 13.52 28.37
C ARG B 253 13.82 12.17 27.67
N LEU B 254 13.11 12.08 26.54
CA LEU B 254 12.99 10.79 25.85
C LEU B 254 14.28 10.42 25.12
N LYS B 255 15.06 11.40 24.70
CA LYS B 255 16.31 11.13 23.99
C LYS B 255 17.51 11.02 24.92
N ASP B 256 17.33 11.23 26.22
CA ASP B 256 18.37 10.96 27.19
C ASP B 256 18.30 9.55 27.74
N MET B 257 17.16 8.87 27.61
CA MET B 257 17.04 7.49 28.06
C MET B 257 17.71 6.51 27.13
N VAL B 258 17.87 6.86 25.86
CA VAL B 258 18.41 5.92 24.87
C VAL B 258 19.83 6.32 24.49
N ALA B 259 20.52 7.00 25.39
CA ALA B 259 21.90 7.39 25.14
C ALA B 259 22.80 6.17 25.12
N LYS B 260 23.81 6.18 24.25
CA LYS B 260 24.74 5.02 24.15
C LYS B 260 25.72 5.04 25.32
N SER B 261 25.87 6.20 25.99
CA SER B 261 26.74 6.27 27.15
C SER B 261 26.11 5.70 28.41
N ARG B 262 24.82 5.35 28.32
CA ARG B 262 24.07 4.87 29.50
C ARG B 262 24.53 3.45 29.88
N SER B 263 24.60 3.17 31.18
CA SER B 263 24.96 1.85 31.66
C SER B 263 23.73 1.20 32.27
N CYS B 264 23.43 -0.02 31.81
CA CYS B 264 22.27 -0.75 32.33
C CYS B 264 22.70 -2.06 32.96
N THR B 265 23.76 -2.03 33.77
CA THR B 265 24.23 -3.21 34.46
C THR B 265 23.37 -3.47 35.69
N GLU B 266 23.78 -4.47 36.49
CA GLU B 266 22.96 -4.91 37.62
C GLU B 266 22.66 -3.81 38.64
N PRO B 267 23.64 -3.04 39.14
CA PRO B 267 23.30 -2.04 40.19
C PRO B 267 22.52 -0.85 39.67
N LEU B 268 22.42 -0.66 38.35
CA LEU B 268 21.72 0.49 37.78
C LEU B 268 20.43 0.13 37.07
N SER B 269 20.23 -1.12 36.67
CA SER B 269 19.03 -1.50 35.95
C SER B 269 18.85 -3.01 36.06
N HIS B 270 17.66 -3.47 35.70
CA HIS B 270 17.31 -4.88 35.71
C HIS B 270 16.96 -5.31 34.28
N HIS B 271 16.46 -6.54 34.15
CA HIS B 271 16.37 -7.18 32.85
C HIS B 271 15.48 -6.42 31.86
N GLY B 272 14.18 -6.37 32.11
CA GLY B 272 13.32 -5.53 31.32
C GLY B 272 12.88 -4.30 32.08
N GLN B 273 13.55 -3.16 31.85
CA GLN B 273 13.25 -1.96 32.62
C GLN B 273 13.34 -0.67 31.80
N ALA B 274 13.41 -0.76 30.47
CA ALA B 274 13.48 0.41 29.59
C ALA B 274 14.72 1.26 29.90
N CYS B 275 15.87 0.64 29.66
CA CYS B 275 17.17 1.31 29.79
C CYS B 275 17.94 1.16 28.50
N GLY B 276 18.49 2.26 27.99
CA GLY B 276 19.33 2.22 26.82
C GLY B 276 18.57 2.18 25.52
N PRO B 277 19.27 1.87 24.43
CA PRO B 277 18.62 1.85 23.10
C PRO B 277 17.57 0.78 22.98
N VAL B 278 16.56 1.06 22.16
CA VAL B 278 15.47 0.14 21.89
C VAL B 278 15.84 -0.75 20.72
N ASP B 279 15.70 -2.05 20.89
CA ASP B 279 16.07 -3.01 19.86
C ASP B 279 14.94 -3.12 18.84
N GLY B 280 15.30 -3.08 17.56
CA GLY B 280 14.33 -3.09 16.48
C GLY B 280 13.88 -1.73 16.03
N ASN B 281 14.31 -0.66 16.70
CA ASN B 281 13.96 0.70 16.34
C ASN B 281 15.13 1.35 15.63
N PHE B 282 14.84 2.16 14.62
CA PHE B 282 15.88 2.86 13.88
C PHE B 282 16.67 3.77 14.81
N ARG B 283 17.97 3.49 14.94
CA ARG B 283 18.89 4.20 15.83
C ARG B 283 18.55 4.01 17.29
N GLY B 284 17.69 3.05 17.62
CA GLY B 284 17.29 2.81 19.00
C GLY B 284 16.57 3.98 19.64
N SER B 285 15.61 4.56 18.93
CA SER B 285 14.93 5.77 19.35
C SER B 285 13.46 5.51 19.63
N TYR B 286 12.92 6.22 20.63
CA TYR B 286 11.49 6.19 20.89
C TYR B 286 10.73 7.09 19.94
N LEU B 287 11.38 8.12 19.39
CA LEU B 287 10.72 9.11 18.53
C LEU B 287 11.03 8.76 17.08
N THR B 288 10.27 7.80 16.55
CA THR B 288 10.44 7.36 15.18
C THR B 288 9.26 6.49 14.79
N MET B 289 8.92 6.52 13.50
CA MET B 289 7.91 5.63 12.94
C MET B 289 8.52 4.36 12.36
N LEU B 290 9.84 4.24 12.37
CA LEU B 290 10.53 3.07 11.82
C LEU B 290 10.77 2.06 12.94
N SER B 291 9.69 1.39 13.32
CA SER B 291 9.72 0.35 14.34
C SER B 291 9.16 -0.94 13.76
N SER B 292 9.90 -2.04 13.95
CA SER B 292 9.43 -3.33 13.45
C SER B 292 8.45 -3.97 14.42
N GLY B 293 8.68 -3.82 15.72
CA GLY B 293 7.75 -4.37 16.70
C GLY B 293 6.38 -3.72 16.60
N GLY B 294 6.34 -2.40 16.39
CA GLY B 294 5.06 -1.73 16.23
C GLY B 294 4.31 -2.19 15.00
N ALA B 295 5.02 -2.39 13.89
CA ALA B 295 4.37 -2.87 12.67
C ALA B 295 3.83 -4.29 12.86
N VAL B 296 4.61 -5.17 13.50
CA VAL B 296 4.13 -6.52 13.76
C VAL B 296 2.91 -6.49 14.67
N PHE B 297 2.93 -5.63 15.68
CA PHE B 297 1.78 -5.51 16.58
C PHE B 297 0.55 -5.02 15.81
N GLY B 298 0.73 -4.06 14.90
CA GLY B 298 -0.41 -3.61 14.10
C GLY B 298 -0.96 -4.71 13.21
N LEU B 299 -0.07 -5.52 12.63
CA LEU B 299 -0.52 -6.66 11.84
C LEU B 299 -1.34 -7.63 12.68
N ILE B 300 -0.88 -7.91 13.91
CA ILE B 300 -1.66 -8.77 14.80
C ILE B 300 -2.98 -8.13 15.18
N ASN B 301 -2.97 -6.82 15.44
CA ASN B 301 -4.16 -6.11 15.87
C ASN B 301 -5.24 -6.12 14.81
N ILE B 302 -4.85 -6.03 13.54
CA ILE B 302 -5.84 -6.08 12.46
C ILE B 302 -6.60 -7.41 12.49
N VAL B 303 -5.88 -8.52 12.63
CA VAL B 303 -6.52 -9.83 12.68
C VAL B 303 -7.39 -9.96 13.92
N GLY B 304 -6.91 -9.45 15.06
CA GLY B 304 -7.73 -9.49 16.26
C GLY B 304 -9.02 -8.71 16.12
N ASN B 305 -8.95 -7.52 15.52
CA ASN B 305 -10.14 -6.71 15.30
C ASN B 305 -11.11 -7.40 14.34
N PHE B 306 -10.58 -8.05 13.31
CA PHE B 306 -11.43 -8.83 12.41
C PHE B 306 -12.14 -9.94 13.18
N GLY B 307 -11.41 -10.63 14.06
CA GLY B 307 -12.02 -11.71 14.82
C GLY B 307 -13.03 -11.24 15.84
N THR B 308 -12.89 -10.01 16.33
CA THR B 308 -13.83 -9.48 17.31
C THR B 308 -15.18 -9.10 16.68
N VAL B 309 -15.21 -8.74 15.41
CA VAL B 309 -16.43 -8.25 14.77
C VAL B 309 -17.37 -9.38 14.39
N PHE B 310 -16.85 -10.43 13.73
CA PHE B 310 -17.70 -11.45 13.14
C PHE B 310 -18.07 -12.55 14.12
N VAL B 311 -17.15 -12.96 15.01
CA VAL B 311 -17.39 -14.10 15.88
C VAL B 311 -18.08 -13.72 17.18
N ASP B 312 -18.02 -12.46 17.59
CA ASP B 312 -18.66 -12.03 18.83
C ASP B 312 -20.15 -11.76 18.57
N ASN B 313 -21.01 -12.38 19.39
CA ASN B 313 -22.44 -12.22 19.23
C ASN B 313 -22.95 -10.87 19.70
N GLY B 314 -22.19 -10.17 20.55
CA GLY B 314 -22.61 -8.84 20.98
C GLY B 314 -22.63 -7.84 19.84
N TYR B 315 -21.67 -7.96 18.93
CA TYR B 315 -21.63 -7.07 17.74
C TYR B 315 -22.89 -7.30 16.92
N TRP B 316 -23.25 -8.57 16.68
CA TRP B 316 -24.46 -8.86 15.93
C TRP B 316 -25.70 -8.35 16.64
N VAL B 317 -25.77 -8.55 17.96
CA VAL B 317 -26.91 -8.05 18.73
C VAL B 317 -27.05 -6.54 18.57
N SER B 318 -25.93 -5.83 18.59
CA SER B 318 -25.97 -4.39 18.35
C SER B 318 -26.29 -4.05 16.91
N ALA B 319 -26.04 -4.98 15.97
CA ALA B 319 -26.27 -4.71 14.56
C ALA B 319 -27.70 -5.03 14.10
N ILE B 320 -28.44 -5.83 14.86
CA ILE B 320 -29.83 -6.12 14.49
C ILE B 320 -30.78 -5.02 14.96
N ALA B 321 -30.38 -4.24 15.96
CA ALA B 321 -31.24 -3.17 16.49
C ALA B 321 -30.99 -1.83 15.84
N ALA B 322 -30.10 -1.75 14.87
CA ALA B 322 -29.78 -0.48 14.23
C ALA B 322 -30.81 -0.14 13.15
N ARG B 323 -30.92 1.16 12.87
CA ARG B 323 -31.76 1.67 11.81
C ARG B 323 -30.87 2.28 10.74
N PRO B 324 -30.33 1.47 9.82
CA PRO B 324 -29.31 2.00 8.90
C PRO B 324 -29.87 2.79 7.72
N SER B 325 -31.14 2.60 7.37
CA SER B 325 -31.70 3.27 6.21
C SER B 325 -31.77 4.78 6.38
N SER B 326 -31.78 5.27 7.62
CA SER B 326 -31.92 6.70 7.88
C SER B 326 -30.82 7.29 8.75
N THR B 327 -30.12 6.50 9.55
CA THR B 327 -29.13 7.00 10.49
C THR B 327 -27.74 6.43 10.22
N HIS B 328 -27.44 6.14 8.95
CA HIS B 328 -26.16 5.53 8.62
C HIS B 328 -24.99 6.51 8.71
N LYS B 329 -25.25 7.81 8.82
CA LYS B 329 -24.17 8.79 8.83
C LYS B 329 -23.55 8.98 10.20
N GLY B 330 -24.16 8.44 11.26
CA GLY B 330 -23.60 8.57 12.60
C GLY B 330 -22.42 7.65 12.87
N TYR B 331 -22.28 6.57 12.10
CA TYR B 331 -21.21 5.62 12.36
C TYR B 331 -19.85 6.20 12.02
N LEU B 332 -19.77 6.98 10.93
CA LEU B 332 -18.50 7.61 10.57
C LEU B 332 -18.06 8.61 11.63
N LEU B 333 -18.99 9.44 12.11
CA LEU B 333 -18.67 10.38 13.18
C LEU B 333 -18.27 9.64 14.45
N GLY B 334 -18.98 8.56 14.78
CA GLY B 334 -18.62 7.78 15.95
C GLY B 334 -17.22 7.20 15.87
N GLY B 335 -16.86 6.66 14.70
CA GLY B 335 -15.52 6.12 14.53
C GLY B 335 -14.45 7.20 14.60
N LEU B 336 -14.69 8.34 13.95
CA LEU B 336 -13.71 9.43 14.00
C LEU B 336 -13.53 9.95 15.42
N VAL B 337 -14.60 10.01 16.20
CA VAL B 337 -14.48 10.44 17.60
C VAL B 337 -13.77 9.38 18.43
N TRP B 338 -14.08 8.10 18.21
CA TRP B 338 -13.47 7.04 19.00
C TRP B 338 -11.99 6.90 18.72
N PHE B 339 -11.54 7.28 17.52
CA PHE B 339 -10.12 7.19 17.19
C PHE B 339 -9.25 7.94 18.20
N ALA B 340 -9.78 8.99 18.81
CA ALA B 340 -8.96 9.89 19.62
C ALA B 340 -8.67 9.36 21.03
N VAL B 341 -9.41 8.38 21.51
CA VAL B 341 -9.21 7.90 22.89
C VAL B 341 -7.92 7.09 22.99
N PRO B 342 -7.78 5.95 22.30
CA PRO B 342 -6.55 5.17 22.45
C PRO B 342 -5.32 5.87 21.90
N PHE B 343 -5.48 6.89 21.06
CA PHE B 343 -4.34 7.62 20.52
C PHE B 343 -3.85 8.66 21.51
N SER B 344 -4.73 9.60 21.89
CA SER B 344 -4.33 10.67 22.80
C SER B 344 -3.97 10.13 24.18
N LEU B 345 -4.78 9.20 24.71
CA LEU B 345 -4.50 8.72 26.06
C LEU B 345 -3.19 7.94 26.12
N ALA B 346 -2.92 7.10 25.12
CA ALA B 346 -1.67 6.36 25.10
C ALA B 346 -0.48 7.28 24.85
N THR B 347 -0.65 8.33 24.04
CA THR B 347 0.44 9.28 23.83
C THR B 347 0.76 10.03 25.13
N SER B 348 -0.26 10.39 25.91
CA SER B 348 -0.03 11.13 27.14
C SER B 348 0.52 10.23 28.25
N LEU B 349 -0.24 9.20 28.63
CA LEU B 349 0.11 8.36 29.77
C LEU B 349 1.20 7.35 29.45
N GLY B 350 1.43 7.04 28.19
CA GLY B 350 2.43 6.04 27.83
C GLY B 350 3.82 6.62 27.66
N LEU B 351 3.92 7.73 26.94
CA LEU B 351 5.21 8.40 26.77
C LEU B 351 5.63 9.19 27.99
N GLY B 352 4.68 9.51 28.88
CA GLY B 352 5.02 10.20 30.12
C GLY B 352 5.64 9.31 31.17
N ALA B 353 5.46 7.99 31.06
CA ALA B 353 6.12 7.08 31.97
C ALA B 353 7.60 6.90 31.64
N LEU B 354 7.95 6.95 30.35
CA LEU B 354 9.35 6.86 29.96
C LEU B 354 10.09 8.16 30.30
N ALA B 355 9.45 9.30 30.07
CA ALA B 355 10.08 10.58 30.35
C ALA B 355 10.29 10.82 31.85
N LEU B 356 9.47 10.20 32.69
CA LEU B 356 9.60 10.36 34.14
C LEU B 356 10.58 9.38 34.77
N ASP B 357 11.08 8.40 34.00
CA ASP B 357 12.00 7.39 34.50
C ASP B 357 11.38 6.60 35.65
N LEU B 358 10.27 5.93 35.37
CA LEU B 358 9.65 5.13 36.40
C LEU B 358 10.14 3.69 36.31
N PRO B 359 10.35 3.01 37.45
CA PRO B 359 10.88 1.64 37.46
C PRO B 359 9.85 0.57 37.11
N ILE B 360 9.11 0.80 36.01
CA ILE B 360 8.14 -0.18 35.55
C ILE B 360 8.87 -1.36 34.93
N SER B 361 8.46 -2.57 35.31
CA SER B 361 9.01 -3.80 34.75
C SER B 361 8.13 -4.29 33.60
N LYS B 362 8.68 -5.23 32.83
CA LYS B 362 7.96 -5.74 31.66
C LYS B 362 6.73 -6.54 32.08
N ASP B 363 6.86 -7.39 33.09
CA ASP B 363 5.71 -8.17 33.56
C ASP B 363 4.63 -7.25 34.14
N GLU B 364 5.06 -6.22 34.89
CA GLU B 364 4.10 -5.27 35.45
C GLU B 364 3.39 -4.48 34.35
N ALA B 365 4.13 -4.06 33.33
CA ALA B 365 3.52 -3.32 32.24
C ALA B 365 2.59 -4.20 31.40
N ASP B 366 2.90 -5.50 31.31
CA ASP B 366 2.03 -6.41 30.57
C ASP B 366 0.66 -6.49 31.20
N ARG B 367 0.59 -6.56 32.54
CA ARG B 367 -0.67 -6.74 33.24
C ARG B 367 -1.61 -5.55 33.09
N GLY B 368 -1.13 -4.42 32.60
CA GLY B 368 -1.94 -3.23 32.45
C GLY B 368 -1.73 -2.17 33.51
N LEU B 369 -0.53 -2.06 34.06
CA LEU B 369 -0.27 -1.18 35.20
C LEU B 369 0.58 0.03 34.83
N VAL B 370 0.57 0.42 33.55
CA VAL B 370 1.29 1.62 33.12
C VAL B 370 0.49 2.88 33.39
N PRO B 371 -0.81 2.96 33.07
CA PRO B 371 -1.56 4.21 33.34
C PRO B 371 -1.67 4.54 34.82
N PRO B 372 -1.98 3.58 35.70
CA PRO B 372 -2.05 3.94 37.13
C PRO B 372 -0.74 4.48 37.69
N ALA B 373 0.40 3.96 37.23
CA ALA B 373 1.68 4.44 37.73
C ALA B 373 1.90 5.90 37.37
N THR B 374 1.64 6.26 36.10
CA THR B 374 1.77 7.65 35.68
C THR B 374 0.77 8.54 36.41
N ALA B 375 -0.46 8.07 36.59
CA ALA B 375 -1.46 8.86 37.30
C ALA B 375 -1.05 9.14 38.73
N ILE B 376 -0.48 8.14 39.41
CA ILE B 376 0.01 8.35 40.77
C ILE B 376 1.20 9.31 40.77
N ALA B 377 2.12 9.14 39.83
CA ALA B 377 3.33 9.97 39.83
C ALA B 377 3.01 11.43 39.55
N LEU B 378 2.07 11.71 38.64
CA LEU B 378 1.80 13.08 38.22
C LEU B 378 0.68 13.73 39.01
N MET B 379 -0.33 12.99 39.42
CA MET B 379 -1.53 13.55 40.05
C MET B 379 -1.91 12.71 41.28
N GLY B 380 -0.93 12.47 42.14
CA GLY B 380 -1.07 11.58 43.28
C GLY B 380 -2.34 11.69 44.10
N LYS B 381 -3.01 10.57 44.30
CA LYS B 381 -4.22 10.40 45.11
C LYS B 381 -5.44 11.08 44.53
N SER B 382 -5.30 11.81 43.42
CA SER B 382 -6.44 12.42 42.74
C SER B 382 -6.61 11.92 41.32
N GLY B 383 -5.51 11.63 40.62
CA GLY B 383 -5.59 10.97 39.33
C GLY B 383 -5.89 9.49 39.43
N SER B 384 -5.57 8.87 40.57
CA SER B 384 -5.89 7.45 40.75
C SER B 384 -7.39 7.22 40.80
N LEU B 385 -8.12 8.07 41.54
CA LEU B 385 -9.58 7.92 41.59
C LEU B 385 -10.20 8.21 40.22
N LEU B 386 -9.70 9.22 39.52
CA LEU B 386 -10.21 9.52 38.18
C LEU B 386 -9.97 8.36 37.22
N LEU B 387 -8.78 7.76 37.27
CA LEU B 387 -8.49 6.63 36.40
C LEU B 387 -9.33 5.41 36.78
N LEU B 388 -9.55 5.20 38.07
CA LEU B 388 -10.41 4.10 38.50
C LEU B 388 -11.83 4.27 37.98
N THR B 389 -12.37 5.49 38.07
CA THR B 389 -13.71 5.75 37.56
C THR B 389 -13.78 5.53 36.05
N MET B 390 -12.78 6.05 35.33
CA MET B 390 -12.77 5.91 33.88
C MET B 390 -12.66 4.45 33.47
N LEU B 391 -11.85 3.67 34.17
CA LEU B 391 -11.69 2.26 33.84
C LEU B 391 -12.95 1.47 34.17
N PHE B 392 -13.56 1.71 35.33
CA PHE B 392 -14.71 0.93 35.73
C PHE B 392 -15.96 1.28 34.95
N MET B 393 -16.07 2.51 34.42
CA MET B 393 -17.15 2.80 33.48
C MET B 393 -17.09 1.85 32.29
N ALA B 394 -15.93 1.73 31.66
CA ALA B 394 -15.76 0.83 30.53
C ALA B 394 -15.96 -0.62 30.94
N VAL B 395 -15.45 -0.99 32.12
CA VAL B 395 -15.59 -2.38 32.58
C VAL B 395 -17.06 -2.75 32.71
N THR B 396 -17.84 -1.90 33.38
CA THR B 396 -19.26 -2.18 33.57
C THR B 396 -20.00 -2.19 32.24
N SER B 397 -19.75 -1.18 31.40
CA SER B 397 -20.47 -1.08 30.13
C SER B 397 -20.19 -2.27 29.23
N ALA B 398 -18.92 -2.70 29.14
CA ALA B 398 -18.57 -3.82 28.27
C ALA B 398 -18.97 -5.16 28.87
N GLY B 399 -18.91 -5.31 30.20
CA GLY B 399 -19.31 -6.57 30.80
C GLY B 399 -20.80 -6.79 30.78
N SER B 400 -21.58 -5.71 30.83
CA SER B 400 -23.03 -5.85 30.70
C SER B 400 -23.41 -6.34 29.31
N SER B 401 -22.67 -5.91 28.29
CA SER B 401 -22.94 -6.36 26.92
C SER B 401 -22.53 -7.82 26.74
N GLU B 402 -21.43 -8.24 27.36
CA GLU B 402 -21.01 -9.64 27.25
C GLU B 402 -22.00 -10.57 27.95
N LEU B 403 -22.55 -10.14 29.08
CA LEU B 403 -23.53 -10.97 29.78
C LEU B 403 -24.78 -11.17 28.92
N ILE B 404 -25.24 -10.14 28.21
CA ILE B 404 -26.42 -10.30 27.31
C ILE B 404 -26.01 -10.70 25.89
N ALA B 405 -24.99 -11.54 25.72
CA ALA B 405 -24.66 -12.06 24.40
C ALA B 405 -24.74 -13.58 24.50
N VAL B 406 -24.72 -14.07 25.74
CA VAL B 406 -24.74 -15.49 26.02
C VAL B 406 -26.08 -15.93 26.59
N SER B 407 -26.78 -15.08 27.33
CA SER B 407 -28.14 -15.40 27.75
C SER B 407 -29.06 -15.53 26.54
N SER B 408 -28.92 -14.63 25.56
CA SER B 408 -29.68 -14.75 24.32
C SER B 408 -29.25 -15.98 23.53
N LEU B 409 -27.94 -16.23 23.47
CA LEU B 409 -27.45 -17.43 22.79
C LEU B 409 -28.04 -18.69 23.40
N PHE B 410 -27.97 -18.81 24.72
CA PHE B 410 -28.52 -19.99 25.39
C PHE B 410 -30.02 -20.08 25.23
N THR B 411 -30.73 -18.96 25.33
CA THR B 411 -32.19 -18.99 25.36
C THR B 411 -32.81 -19.10 23.97
N TYR B 412 -32.05 -18.86 22.90
CA TYR B 412 -32.59 -18.94 21.56
C TYR B 412 -31.96 -20.01 20.69
N ASP B 413 -30.76 -20.50 21.02
CA ASP B 413 -30.07 -21.47 20.20
C ASP B 413 -29.85 -22.81 20.88
N ILE B 414 -30.17 -22.95 22.16
CA ILE B 414 -30.02 -24.23 22.85
C ILE B 414 -31.33 -24.62 23.50
N TYR B 415 -31.89 -23.74 24.32
CA TYR B 415 -33.11 -24.08 25.05
C TYR B 415 -34.32 -24.13 24.13
N ARG B 416 -34.49 -23.12 23.27
CA ARG B 416 -35.68 -23.08 22.43
C ARG B 416 -35.59 -24.07 21.28
N THR B 417 -34.40 -24.29 20.74
CA THR B 417 -34.25 -25.18 19.59
C THR B 417 -34.18 -26.64 20.03
N TYR B 418 -33.51 -26.99 21.11
CA TYR B 418 -33.37 -28.43 21.42
C TYR B 418 -34.07 -28.90 22.71
N ILE B 419 -34.00 -28.19 23.84
CA ILE B 419 -34.56 -28.68 25.15
C ILE B 419 -36.08 -28.57 25.24
N ASN B 420 -36.67 -27.49 24.76
CA ASN B 420 -38.14 -27.32 24.77
C ASN B 420 -38.49 -26.36 23.65
N PRO B 421 -39.05 -26.78 22.50
CA PRO B 421 -39.27 -25.87 21.39
C PRO B 421 -40.61 -25.15 21.43
N ARG B 422 -41.40 -25.37 22.47
CA ARG B 422 -42.70 -24.67 22.64
C ARG B 422 -42.63 -23.81 23.91
N ALA B 423 -42.29 -22.52 23.80
CA ALA B 423 -42.07 -21.74 25.04
C ALA B 423 -42.85 -20.43 25.06
N THR B 424 -43.63 -20.18 26.11
CA THR B 424 -44.43 -18.95 26.31
C THR B 424 -43.50 -17.86 26.86
N GLY B 425 -43.83 -16.59 26.66
CA GLY B 425 -42.93 -15.50 27.09
C GLY B 425 -42.50 -15.59 28.54
N ARG B 426 -43.39 -16.04 29.42
CA ARG B 426 -43.04 -16.05 30.86
C ARG B 426 -41.95 -17.10 31.09
N GLN B 427 -41.73 -17.99 30.13
CA GLN B 427 -40.76 -19.08 30.38
C GLN B 427 -39.46 -18.75 29.65
N ILE B 428 -39.45 -17.74 28.79
CA ILE B 428 -38.18 -17.29 28.14
C ILE B 428 -37.48 -16.29 29.06
N LEU B 429 -38.21 -15.42 29.76
CA LEU B 429 -37.62 -14.43 30.71
C LEU B 429 -36.94 -15.07 31.94
N LYS B 430 -37.34 -16.22 32.45
CA LYS B 430 -36.66 -16.92 33.53
C LYS B 430 -35.34 -17.51 33.06
N ILE B 431 -35.32 -18.13 31.87
CA ILE B 431 -34.08 -18.68 31.33
C ILE B 431 -33.08 -17.57 31.05
N SER B 432 -33.55 -16.45 30.50
CA SER B 432 -32.66 -15.33 30.22
C SER B 432 -32.03 -14.79 31.49
N ARG B 433 -32.81 -14.71 32.57
CA ARG B 433 -32.29 -14.18 33.83
C ARG B 433 -31.38 -15.19 34.52
N CYS B 434 -31.63 -16.49 34.34
CA CYS B 434 -30.77 -17.50 34.97
C CYS B 434 -29.43 -17.66 34.25
N ALA B 435 -29.42 -17.50 32.93
CA ALA B 435 -28.17 -17.65 32.18
C ALA B 435 -27.17 -16.57 32.57
N VAL B 436 -27.65 -15.36 32.84
CA VAL B 436 -26.77 -14.27 33.25
C VAL B 436 -26.07 -14.63 34.56
N LEU B 437 -26.83 -15.12 35.54
CA LEU B 437 -26.24 -15.51 36.81
C LEU B 437 -25.26 -16.66 36.63
N GLY B 438 -25.61 -17.65 35.80
CA GLY B 438 -24.70 -18.77 35.59
C GLY B 438 -23.38 -18.35 34.98
N PHE B 439 -23.44 -17.53 33.92
CA PHE B 439 -22.22 -17.07 33.27
C PHE B 439 -21.39 -16.19 34.21
N GLY B 440 -22.05 -15.30 34.94
CA GLY B 440 -21.32 -14.45 35.87
C GLY B 440 -20.65 -15.22 36.99
N CYS B 441 -21.27 -16.30 37.45
CA CYS B 441 -20.66 -17.12 38.49
C CYS B 441 -19.54 -18.00 37.95
N PHE B 442 -19.66 -18.48 36.71
CA PHE B 442 -18.60 -19.29 36.13
C PHE B 442 -17.37 -18.47 35.80
N MET B 443 -17.57 -17.25 35.29
CA MET B 443 -16.43 -16.44 34.87
C MET B 443 -15.61 -15.98 36.06
N GLY B 444 -16.22 -15.84 37.24
CA GLY B 444 -15.45 -15.48 38.42
C GLY B 444 -14.45 -16.57 38.80
N ILE B 445 -14.90 -17.82 38.80
CA ILE B 445 -14.01 -18.94 39.08
C ILE B 445 -12.92 -19.04 38.01
N LEU B 446 -13.30 -18.83 36.75
CA LEU B 446 -12.31 -18.85 35.69
C LEU B 446 -11.25 -17.77 35.89
N ALA B 447 -11.68 -16.56 36.27
CA ALA B 447 -10.74 -15.47 36.51
C ALA B 447 -9.82 -15.77 37.69
N VAL B 448 -10.36 -16.37 38.75
CA VAL B 448 -9.52 -16.74 39.89
C VAL B 448 -8.46 -17.74 39.46
N VAL B 449 -8.85 -18.75 38.67
CA VAL B 449 -7.91 -19.75 38.21
C VAL B 449 -6.85 -19.11 37.32
N LEU B 450 -7.26 -18.21 36.43
CA LEU B 450 -6.29 -17.56 35.53
C LEU B 450 -5.34 -16.66 36.29
N ASN B 451 -5.82 -15.96 37.33
CA ASN B 451 -4.94 -15.13 38.14
C ASN B 451 -3.94 -15.97 38.90
N LYS B 452 -4.36 -17.13 39.41
CA LYS B 452 -3.42 -18.02 40.10
C LYS B 452 -2.36 -18.55 39.14
N ALA B 453 -2.76 -18.87 37.90
CA ALA B 453 -1.83 -19.44 36.93
C ALA B 453 -0.84 -18.42 36.37
N GLY B 454 -1.04 -17.14 36.64
CA GLY B 454 -0.11 -16.11 36.21
C GLY B 454 -0.37 -15.54 34.83
N VAL B 455 -1.50 -15.87 34.20
CA VAL B 455 -1.83 -15.28 32.91
C VAL B 455 -2.15 -13.80 33.10
N SER B 456 -1.88 -13.00 32.06
CA SER B 456 -2.04 -11.57 32.12
C SER B 456 -2.72 -11.06 30.86
N LEU B 457 -3.39 -9.91 30.97
CA LEU B 457 -3.86 -9.21 29.79
C LEU B 457 -2.66 -8.81 28.94
N GLY B 458 -2.84 -8.83 27.63
CA GLY B 458 -1.72 -8.59 26.74
C GLY B 458 -1.19 -9.89 26.17
N TRP B 459 -1.09 -10.91 27.01
CA TRP B 459 -0.92 -12.27 26.50
C TRP B 459 -2.22 -12.79 25.93
N MET B 460 -3.34 -12.49 26.58
CA MET B 460 -4.65 -12.90 26.06
C MET B 460 -5.07 -12.02 24.89
N TYR B 461 -4.65 -10.76 24.88
CA TYR B 461 -4.99 -9.86 23.77
C TYR B 461 -4.36 -10.34 22.47
N LEU B 462 -3.10 -10.78 22.52
CA LEU B 462 -2.42 -11.22 21.31
C LEU B 462 -2.90 -12.57 20.83
N ALA B 463 -3.34 -13.44 21.75
CA ALA B 463 -3.69 -14.81 21.44
C ALA B 463 -5.14 -14.98 20.97
N MET B 464 -5.89 -13.89 20.88
CA MET B 464 -7.30 -13.99 20.47
C MET B 464 -7.41 -14.49 19.03
N GLY B 465 -6.58 -13.97 18.12
CA GLY B 465 -6.68 -14.35 16.72
C GLY B 465 -6.18 -15.74 16.42
N VAL B 466 -5.33 -16.30 17.28
CA VAL B 466 -4.85 -17.66 17.06
C VAL B 466 -5.97 -18.68 17.27
N LEU B 467 -6.84 -18.42 18.24
CA LEU B 467 -7.83 -19.40 18.68
C LEU B 467 -9.12 -19.34 17.87
N ILE B 468 -9.68 -18.14 17.67
CA ILE B 468 -10.96 -17.98 17.01
C ILE B 468 -10.82 -17.25 15.67
N GLY B 469 -9.60 -17.21 15.11
CA GLY B 469 -9.41 -16.55 13.84
C GLY B 469 -9.78 -17.35 12.61
N SER B 470 -10.11 -18.63 12.79
CA SER B 470 -10.43 -19.51 11.67
C SER B 470 -11.90 -19.52 11.30
N ALA B 471 -12.75 -18.83 12.07
CA ALA B 471 -14.18 -18.77 11.79
C ALA B 471 -14.62 -17.41 11.29
N VAL B 472 -13.69 -16.55 10.89
CA VAL B 472 -14.04 -15.20 10.46
C VAL B 472 -14.54 -15.20 9.02
N ILE B 473 -13.82 -15.87 8.13
CA ILE B 473 -14.14 -15.87 6.70
C ILE B 473 -15.35 -16.75 6.40
N PRO B 474 -15.54 -17.91 7.06
CA PRO B 474 -16.81 -18.64 6.86
C PRO B 474 -18.04 -17.82 7.20
N ILE B 475 -18.01 -17.00 8.26
CA ILE B 475 -19.16 -16.19 8.60
C ILE B 475 -19.38 -15.08 7.58
N ALA B 476 -18.29 -14.48 7.09
CA ALA B 476 -18.41 -13.49 6.02
C ALA B 476 -19.00 -14.11 4.76
N PHE B 477 -18.58 -15.33 4.43
CA PHE B 477 -19.16 -16.03 3.28
C PHE B 477 -20.64 -16.32 3.50
N MET B 478 -21.01 -16.70 4.73
CA MET B 478 -22.42 -16.94 5.04
C MET B 478 -23.24 -15.67 4.83
N LEU B 479 -22.70 -14.52 5.24
CA LEU B 479 -23.45 -13.28 5.12
C LEU B 479 -23.50 -12.75 3.69
N LEU B 480 -22.42 -12.92 2.93
CA LEU B 480 -22.29 -12.27 1.62
C LEU B 480 -22.27 -13.26 0.46
N TRP B 481 -21.36 -14.22 0.46
CA TRP B 481 -21.18 -15.10 -0.68
C TRP B 481 -22.36 -16.07 -0.80
N SER B 482 -22.72 -16.40 -2.03
CA SER B 482 -23.85 -17.27 -2.32
C SER B 482 -23.44 -18.64 -2.82
N LYS B 483 -22.15 -18.99 -2.75
CA LYS B 483 -21.68 -20.29 -3.20
C LYS B 483 -21.15 -21.17 -2.08
N ALA B 484 -20.88 -20.62 -0.90
CA ALA B 484 -20.34 -21.40 0.20
C ALA B 484 -21.34 -22.46 0.66
N ASN B 485 -20.81 -23.61 1.07
CA ASN B 485 -21.64 -24.74 1.51
C ASN B 485 -21.29 -25.10 2.95
N ALA B 486 -22.04 -26.08 3.49
CA ALA B 486 -21.93 -26.40 4.90
C ALA B 486 -20.64 -27.14 5.22
N PHE B 487 -20.28 -28.13 4.39
CA PHE B 487 -19.11 -28.97 4.69
C PHE B 487 -17.82 -28.16 4.70
N GLY B 488 -17.66 -27.27 3.73
CA GLY B 488 -16.46 -26.44 3.68
C GLY B 488 -16.31 -25.55 4.90
N ALA B 489 -17.43 -25.04 5.41
CA ALA B 489 -17.38 -24.18 6.59
C ALA B 489 -16.84 -24.94 7.80
N ILE B 490 -17.40 -26.12 8.07
CA ILE B 490 -16.93 -26.93 9.20
C ILE B 490 -15.48 -27.29 9.01
N LEU B 491 -15.11 -27.72 7.80
CA LEU B 491 -13.74 -28.15 7.54
C LEU B 491 -12.76 -27.01 7.78
N GLY B 492 -13.03 -25.84 7.21
CA GLY B 492 -12.13 -24.71 7.38
C GLY B 492 -12.04 -24.25 8.83
N ALA B 493 -13.19 -24.13 9.49
CA ALA B 493 -13.21 -23.65 10.86
C ALA B 493 -12.45 -24.59 11.78
N THR B 494 -12.60 -25.90 11.59
CA THR B 494 -11.90 -26.85 12.45
C THR B 494 -10.42 -26.97 12.11
N SER B 495 -10.07 -26.89 10.83
CA SER B 495 -8.67 -27.06 10.44
C SER B 495 -7.82 -25.84 10.77
N GLY B 496 -8.38 -24.64 10.61
CA GLY B 496 -7.60 -23.44 10.85
C GLY B 496 -7.13 -23.33 12.28
N CYS B 497 -7.99 -23.64 13.24
CA CYS B 497 -7.62 -23.54 14.65
C CYS B 497 -6.47 -24.51 14.97
N VAL B 498 -6.58 -25.76 14.53
CA VAL B 498 -5.55 -26.75 14.82
C VAL B 498 -4.23 -26.35 14.18
N PHE B 499 -4.27 -25.95 12.91
CA PHE B 499 -3.03 -25.57 12.23
C PHE B 499 -2.40 -24.34 12.86
N GLY B 500 -3.22 -23.35 13.24
CA GLY B 500 -2.69 -22.15 13.86
C GLY B 500 -2.06 -22.43 15.21
N ILE B 501 -2.71 -23.25 16.04
CA ILE B 501 -2.15 -23.59 17.34
C ILE B 501 -0.85 -24.37 17.18
N ILE B 502 -0.81 -25.31 16.22
CA ILE B 502 0.40 -26.09 16.00
C ILE B 502 1.55 -25.19 15.57
N THR B 503 1.29 -24.29 14.62
CA THR B 503 2.33 -23.38 14.16
C THR B 503 2.78 -22.45 15.29
N TRP B 504 1.82 -21.95 16.08
CA TRP B 504 2.12 -21.02 17.16
C TRP B 504 3.00 -21.66 18.23
N LEU B 505 2.73 -22.92 18.57
CA LEU B 505 3.57 -23.60 19.54
C LEU B 505 4.93 -24.01 18.96
N THR B 506 4.95 -24.47 17.71
CA THR B 506 6.21 -24.92 17.12
C THR B 506 7.18 -23.77 16.86
N THR B 507 6.67 -22.58 16.48
CA THR B 507 7.56 -21.44 16.32
C THR B 507 8.21 -21.07 17.64
N ALA B 508 7.44 -21.07 18.72
CA ALA B 508 8.01 -20.78 20.04
C ALA B 508 9.03 -21.82 20.46
N LYS B 509 8.75 -23.09 20.19
CA LYS B 509 9.71 -24.14 20.52
C LYS B 509 10.99 -24.01 19.70
N THR B 510 10.86 -23.68 18.41
CA THR B 510 12.03 -23.64 17.54
C THR B 510 12.90 -22.41 17.82
N GLN B 511 12.28 -21.25 17.96
CA GLN B 511 13.03 -19.99 18.11
C GLN B 511 13.55 -19.75 19.52
N TYR B 512 13.18 -20.60 20.48
CA TYR B 512 13.63 -20.48 21.85
C TYR B 512 13.93 -21.88 22.37
N GLY B 513 14.11 -22.00 23.69
CA GLY B 513 14.44 -23.28 24.29
C GLY B 513 13.34 -23.93 25.12
N ARG B 514 12.11 -23.46 24.93
CA ARG B 514 11.06 -23.92 25.85
C ARG B 514 9.71 -23.51 25.32
N VAL B 515 8.64 -23.97 25.92
CA VAL B 515 7.27 -23.58 25.58
C VAL B 515 6.58 -23.22 26.90
N ASP B 516 6.63 -21.93 27.26
CA ASP B 516 5.99 -21.43 28.46
C ASP B 516 5.35 -20.09 28.13
N LEU B 517 4.76 -19.46 29.15
CA LEU B 517 4.03 -18.21 28.94
C LEU B 517 4.94 -17.05 28.53
N ASP B 518 6.25 -17.20 28.67
CA ASP B 518 7.18 -16.13 28.32
C ASP B 518 7.55 -16.15 26.84
N SER B 519 8.06 -17.29 26.35
CA SER B 519 8.45 -17.39 24.95
C SER B 519 7.24 -17.44 24.03
N THR B 520 6.12 -17.99 24.51
CA THR B 520 4.92 -18.07 23.69
C THR B 520 4.36 -16.70 23.38
N GLY B 521 4.37 -15.79 24.36
CA GLY B 521 3.87 -14.45 24.15
C GLY B 521 4.89 -13.52 23.55
N LYS B 522 5.29 -13.79 22.30
CA LYS B 522 6.25 -12.95 21.58
C LYS B 522 5.69 -12.63 20.21
N ASN B 523 6.26 -11.61 19.58
CA ASN B 523 5.69 -11.10 18.33
C ASN B 523 5.73 -12.14 17.22
N GLY B 524 6.84 -12.88 17.11
CA GLY B 524 7.02 -13.84 16.06
C GLY B 524 6.05 -15.00 16.08
N PRO B 525 6.06 -15.78 17.17
CA PRO B 525 5.09 -16.88 17.29
C PRO B 525 3.65 -16.43 17.19
N MET B 526 3.30 -15.29 17.78
CA MET B 526 1.93 -14.82 17.74
C MET B 526 1.54 -14.41 16.31
N LEU B 527 2.43 -13.76 15.59
CA LEU B 527 2.15 -13.39 14.20
C LEU B 527 1.98 -14.64 13.34
N ALA B 528 2.85 -15.63 13.52
CA ALA B 528 2.73 -16.87 12.77
C ALA B 528 1.38 -17.55 13.05
N GLY B 529 1.03 -17.67 14.33
CA GLY B 529 -0.24 -18.30 14.67
C GLY B 529 -1.44 -17.54 14.12
N ASN B 530 -1.43 -16.22 14.25
CA ASN B 530 -2.54 -15.41 13.76
C ASN B 530 -2.72 -15.58 12.25
N LEU B 531 -1.62 -15.44 11.49
CA LEU B 531 -1.70 -15.53 10.05
C LEU B 531 -2.14 -16.91 9.59
N VAL B 532 -1.56 -17.95 10.19
CA VAL B 532 -1.92 -19.32 9.80
C VAL B 532 -3.39 -19.59 10.12
N ALA B 533 -3.85 -19.17 11.30
CA ALA B 533 -5.23 -19.44 11.69
C ALA B 533 -6.21 -18.73 10.76
N ILE B 534 -5.97 -17.45 10.46
CA ILE B 534 -6.95 -16.70 9.68
C ILE B 534 -6.91 -17.12 8.21
N LEU B 535 -5.71 -17.40 7.67
CA LEU B 535 -5.60 -17.61 6.23
C LEU B 535 -6.13 -18.97 5.79
N THR B 536 -5.85 -20.03 6.55
CA THR B 536 -6.23 -21.37 6.12
C THR B 536 -7.73 -21.63 6.27
N GLY B 537 -8.42 -20.88 7.13
CA GLY B 537 -9.86 -21.08 7.26
C GLY B 537 -10.65 -20.53 6.10
N GLY B 538 -10.10 -19.57 5.38
CA GLY B 538 -10.79 -18.97 4.25
C GLY B 538 -10.35 -19.54 2.91
N LEU B 539 -9.30 -20.37 2.92
CA LEU B 539 -8.85 -21.02 1.71
C LEU B 539 -9.50 -22.38 1.51
N ILE B 540 -9.65 -23.16 2.58
CA ILE B 540 -10.35 -24.43 2.49
C ILE B 540 -11.82 -24.22 2.14
N HIS B 541 -12.45 -23.22 2.78
CA HIS B 541 -13.85 -22.95 2.50
C HIS B 541 -14.07 -22.43 1.09
N ALA B 542 -13.12 -21.67 0.55
CA ALA B 542 -13.23 -21.16 -0.81
C ALA B 542 -12.84 -22.18 -1.86
N VAL B 543 -12.18 -23.28 -1.49
CA VAL B 543 -11.83 -24.32 -2.44
C VAL B 543 -12.90 -25.41 -2.47
N CYS B 544 -13.39 -25.82 -1.31
CA CYS B 544 -14.44 -26.84 -1.24
C CYS B 544 -15.79 -26.34 -1.74
N SER B 545 -15.95 -25.03 -1.93
CA SER B 545 -17.21 -24.47 -2.40
C SER B 545 -17.20 -24.16 -3.88
N LEU B 546 -16.04 -23.83 -4.46
CA LEU B 546 -15.96 -23.65 -5.91
C LEU B 546 -16.08 -24.98 -6.65
N VAL B 547 -15.89 -26.10 -5.95
CA VAL B 547 -16.06 -27.40 -6.58
C VAL B 547 -17.53 -27.80 -6.58
N ARG B 548 -18.20 -27.64 -5.43
CA ARG B 548 -19.62 -27.99 -5.29
C ARG B 548 -20.35 -26.78 -4.74
N PRO B 549 -20.70 -25.82 -5.60
CA PRO B 549 -21.39 -24.61 -5.13
C PRO B 549 -22.77 -24.93 -4.58
N GLN B 550 -23.18 -24.12 -3.60
CA GLN B 550 -24.53 -24.19 -3.02
C GLN B 550 -25.19 -22.84 -3.31
N ASN B 551 -25.84 -22.74 -4.46
CA ASN B 551 -26.46 -21.49 -4.87
C ASN B 551 -27.65 -21.18 -3.95
N TYR B 552 -27.55 -20.08 -3.22
CA TYR B 552 -28.51 -19.72 -2.19
C TYR B 552 -29.09 -18.34 -2.48
N ASP B 553 -30.40 -18.20 -2.29
CA ASP B 553 -31.08 -16.92 -2.48
C ASP B 553 -31.50 -16.28 -1.15
N TRP B 554 -31.08 -16.84 -0.02
CA TRP B 554 -31.41 -16.33 1.31
C TRP B 554 -32.92 -16.30 1.55
N SER B 555 -33.65 -17.27 0.96
CA SER B 555 -35.09 -17.28 1.11
C SER B 555 -35.52 -17.75 2.49
N THR B 556 -34.84 -18.78 3.02
CA THR B 556 -35.23 -19.38 4.32
C THR B 556 -34.79 -18.52 5.50
N THR B 557 -33.70 -17.77 5.38
CA THR B 557 -33.28 -16.87 6.45
C THR B 557 -34.20 -15.66 6.57
N ARG B 558 -34.96 -15.34 5.52
CA ARG B 558 -35.90 -14.24 5.58
C ARG B 558 -37.24 -14.63 6.20
N GLU B 559 -37.41 -15.89 6.58
CA GLU B 559 -38.63 -16.38 7.19
C GLU B 559 -38.42 -16.78 8.64
N ILE B 560 -37.39 -16.23 9.28
CA ILE B 560 -37.12 -16.53 10.68
C ILE B 560 -38.19 -15.86 11.54
N LYS B 561 -38.75 -16.63 12.47
CA LYS B 561 -39.81 -16.15 13.36
C LYS B 561 -39.39 -14.90 14.13
N LEU B 580 -39.01 3.46 -2.17
CA LEU B 580 -39.45 2.18 -1.63
C LEU B 580 -38.75 1.98 -0.29
N ARG B 581 -38.11 0.84 -0.12
CA ARG B 581 -37.30 0.56 1.06
C ARG B 581 -35.90 0.08 0.72
N GLU B 582 -35.76 -0.74 -0.33
CA GLU B 582 -34.44 -1.18 -0.76
C GLU B 582 -33.66 -0.09 -1.47
N GLU B 583 -34.34 0.93 -1.99
CA GLU B 583 -33.64 2.07 -2.58
C GLU B 583 -32.84 2.81 -1.51
N LYS B 584 -33.46 3.07 -0.35
CA LYS B 584 -32.76 3.75 0.73
C LYS B 584 -31.59 2.91 1.22
N LEU B 585 -31.79 1.59 1.36
CA LEU B 585 -30.73 0.66 1.82
C LEU B 585 -29.65 0.58 0.75
N ARG B 586 -29.98 0.66 -0.52
CA ARG B 586 -28.97 0.72 -1.62
C ARG B 586 -28.21 2.03 -1.67
N ARG B 587 -28.77 3.14 -1.21
CA ARG B 587 -28.09 4.47 -1.21
C ARG B 587 -27.28 4.63 0.07
N ALA B 588 -27.70 4.01 1.18
CA ALA B 588 -26.94 3.95 2.43
C ALA B 588 -25.69 3.10 2.27
N LYS B 589 -25.81 1.93 1.62
CA LYS B 589 -24.65 1.08 1.42
C LYS B 589 -23.62 1.75 0.51
N ALA B 590 -24.09 2.43 -0.54
CA ALA B 590 -23.16 3.13 -1.43
C ALA B 590 -22.40 4.22 -0.68
N TRP B 591 -23.11 5.01 0.14
CA TRP B 591 -22.45 6.05 0.92
C TRP B 591 -21.44 5.46 1.89
N ILE B 592 -21.82 4.38 2.58
CA ILE B 592 -20.94 3.76 3.55
C ILE B 592 -19.68 3.23 2.88
N VAL B 593 -19.84 2.55 1.74
CA VAL B 593 -18.68 1.97 1.06
C VAL B 593 -17.79 3.07 0.50
N LYS B 594 -18.38 4.11 -0.10
CA LYS B 594 -17.56 5.14 -0.72
C LYS B 594 -16.80 5.97 0.31
N TRP B 595 -17.49 6.41 1.36
CA TRP B 595 -16.88 7.33 2.32
C TRP B 595 -16.14 6.63 3.45
N GLY B 596 -16.26 5.32 3.57
CA GLY B 596 -15.52 4.59 4.59
C GLY B 596 -14.17 4.11 4.10
N LEU B 597 -14.04 3.91 2.79
CA LEU B 597 -12.77 3.47 2.22
C LEU B 597 -11.77 4.59 2.12
N VAL B 598 -12.22 5.82 1.85
CA VAL B 598 -11.32 6.94 1.69
C VAL B 598 -10.55 7.19 2.99
N PHE B 599 -11.26 7.22 4.12
CA PHE B 599 -10.61 7.47 5.40
C PHE B 599 -9.72 6.31 5.80
N THR B 600 -10.13 5.09 5.50
CA THR B 600 -9.29 3.92 5.78
C THR B 600 -7.97 4.02 5.03
N ILE B 601 -8.03 4.36 3.74
CA ILE B 601 -6.81 4.50 2.96
C ILE B 601 -5.96 5.66 3.47
N LEU B 602 -6.61 6.78 3.80
CA LEU B 602 -5.87 7.96 4.26
C LEU B 602 -5.14 7.69 5.57
N ILE B 603 -5.79 6.99 6.51
CA ILE B 603 -5.23 6.81 7.84
C ILE B 603 -4.29 5.62 7.91
N VAL B 604 -4.74 4.45 7.47
CA VAL B 604 -3.96 3.23 7.67
C VAL B 604 -2.76 3.14 6.70
N VAL B 605 -2.79 3.84 5.57
CA VAL B 605 -1.78 3.65 4.54
C VAL B 605 -0.95 4.91 4.32
N ILE B 606 -1.62 6.01 3.97
CA ILE B 606 -0.90 7.21 3.52
C ILE B 606 -0.18 7.87 4.69
N TRP B 607 -0.85 8.01 5.83
CA TRP B 607 -0.25 8.71 6.96
C TRP B 607 1.02 8.07 7.48
N PRO B 608 1.06 6.76 7.78
CA PRO B 608 2.34 6.17 8.20
C PRO B 608 3.42 6.23 7.13
N VAL B 609 3.04 6.14 5.85
CA VAL B 609 4.02 6.20 4.77
C VAL B 609 4.67 7.58 4.71
N LEU B 610 3.88 8.63 4.91
CA LEU B 610 4.42 9.99 4.83
C LEU B 610 5.33 10.32 6.00
N SER B 611 5.26 9.57 7.10
CA SER B 611 6.05 9.85 8.29
C SER B 611 7.41 9.14 8.29
N LEU B 612 7.60 8.15 7.42
CA LEU B 612 8.90 7.49 7.33
C LEU B 612 10.04 8.43 6.93
N PRO B 613 9.90 9.35 5.99
CA PRO B 613 11.02 10.24 5.67
C PRO B 613 11.48 11.11 6.83
N ALA B 614 10.65 11.27 7.87
CA ALA B 614 11.07 12.05 9.03
C ALA B 614 12.16 11.38 9.85
N ARG B 615 12.37 10.07 9.65
CA ARG B 615 13.37 9.30 10.36
C ARG B 615 13.21 9.45 11.87
N VAL B 616 14.19 10.04 12.52
CA VAL B 616 14.11 10.36 13.95
C VAL B 616 13.50 11.74 14.10
N PHE B 617 12.42 11.84 14.88
CA PHE B 617 11.69 13.08 15.01
C PHE B 617 12.59 14.18 15.57
N SER B 618 12.43 15.39 15.03
CA SER B 618 13.14 16.56 15.51
C SER B 618 12.20 17.44 16.34
N ARG B 619 12.79 18.32 17.13
CA ARG B 619 12.01 19.29 17.91
C ARG B 619 11.38 20.28 16.94
N GLY B 620 10.09 20.11 16.69
CA GLY B 620 9.40 20.85 15.66
C GLY B 620 8.49 19.92 14.89
N TYR B 621 8.92 18.67 14.74
CA TYR B 621 8.03 17.61 14.26
C TYR B 621 7.31 16.92 15.40
N PHE B 622 7.97 16.76 16.56
CA PHE B 622 7.27 16.24 17.74
C PHE B 622 6.25 17.22 18.27
N TRP B 623 6.52 18.52 18.14
CA TRP B 623 5.53 19.52 18.50
C TRP B 623 4.26 19.35 17.66
N PHE B 624 4.43 19.17 16.35
CA PHE B 624 3.30 18.94 15.47
C PHE B 624 2.58 17.64 15.82
N TRP B 625 3.36 16.59 16.12
CA TRP B 625 2.77 15.29 16.44
C TRP B 625 1.94 15.36 17.71
N ALA B 626 2.40 16.10 18.72
CA ALA B 626 1.64 16.24 19.96
C ALA B 626 0.43 17.15 19.78
N ILE B 627 0.60 18.22 19.00
CA ILE B 627 -0.50 19.15 18.78
C ILE B 627 -1.64 18.46 18.02
N VAL B 628 -1.31 17.56 17.10
CA VAL B 628 -2.34 16.82 16.39
C VAL B 628 -3.18 16.01 17.36
N ALA B 629 -2.53 15.29 18.28
CA ALA B 629 -3.27 14.49 19.25
C ALA B 629 -4.12 15.35 20.16
N ILE B 630 -3.55 16.47 20.64
CA ILE B 630 -4.30 17.34 21.55
C ILE B 630 -5.54 17.90 20.85
N ALA B 631 -5.37 18.37 19.61
CA ALA B 631 -6.50 18.94 18.87
C ALA B 631 -7.55 17.88 18.59
N TRP B 632 -7.12 16.68 18.18
CA TRP B 632 -8.07 15.61 17.89
C TRP B 632 -8.90 15.28 19.13
N GLY B 633 -8.23 15.10 20.27
CA GLY B 633 -8.96 14.77 21.49
C GLY B 633 -9.92 15.87 21.91
N THR B 634 -9.45 17.12 21.90
CA THR B 634 -10.30 18.22 22.33
C THR B 634 -11.51 18.39 21.41
N ILE B 635 -11.30 18.33 20.10
CA ILE B 635 -12.40 18.52 19.16
C ILE B 635 -13.41 17.37 19.28
N GLY B 636 -12.91 16.13 19.40
CA GLY B 636 -13.82 15.02 19.57
C GLY B 636 -14.65 15.12 20.84
N SER B 637 -14.01 15.51 21.95
CA SER B 637 -14.74 15.67 23.20
C SER B 637 -15.79 16.76 23.08
N ILE B 638 -15.44 17.89 22.47
CA ILE B 638 -16.40 18.99 22.31
C ILE B 638 -17.57 18.55 21.45
N VAL B 639 -17.30 17.83 20.36
CA VAL B 639 -18.37 17.39 19.46
C VAL B 639 -19.29 16.41 20.17
N ILE B 640 -18.73 15.44 20.89
CA ILE B 640 -19.56 14.42 21.50
C ILE B 640 -20.26 14.88 22.78
N ILE B 641 -19.80 15.97 23.39
CA ILE B 641 -20.43 16.43 24.61
C ILE B 641 -21.51 17.47 24.33
N GLY B 642 -21.26 18.40 23.42
CA GLY B 642 -22.16 19.52 23.21
C GLY B 642 -23.19 19.34 22.10
N LEU B 643 -22.76 18.80 20.96
CA LEU B 643 -23.65 18.67 19.82
C LEU B 643 -24.89 17.83 20.09
N PRO B 644 -24.82 16.69 20.78
CA PRO B 644 -26.07 15.95 21.09
C PRO B 644 -27.08 16.78 21.87
N LEU B 645 -26.63 17.72 22.70
CA LEU B 645 -27.55 18.63 23.36
C LEU B 645 -28.28 19.50 22.35
N VAL B 646 -27.56 19.99 21.35
CA VAL B 646 -28.15 20.83 20.31
C VAL B 646 -29.03 20.01 19.39
CAA Y01 C . 20.33 12.95 -4.10
CBA Y01 C . 19.70 14.14 -3.37
CAB Y01 C . 20.71 15.27 -3.21
CAN Y01 C . 19.13 13.74 -2.00
CAJ Y01 C . 18.48 14.86 -1.21
CAO Y01 C . 17.23 15.42 -1.89
CBB Y01 C . 15.86 14.91 -1.40
CAC Y01 C . 16.01 13.88 -0.29
CBE Y01 C . 14.94 16.08 -0.99
CAP Y01 C . 15.48 17.46 -1.46
CAQ Y01 C . 14.27 18.37 -1.71
CBG Y01 C . 13.07 17.55 -1.27
CBI Y01 C . 13.47 16.08 -1.50
CAE Y01 C . 13.44 15.66 -2.97
CAU Y01 C . 12.46 15.27 -0.68
CAS Y01 C . 11.03 15.52 -1.17
CBF Y01 C . 10.61 17.00 -1.25
CBD Y01 C . 11.71 17.90 -1.85
CAK Y01 C . 11.35 19.35 -1.57
CAI Y01 C . 9.93 19.64 -1.93
CAZ Y01 C . 9.06 18.69 -2.28
CAV Y01 C . 7.74 19.08 -2.91
CBH Y01 C . 9.27 17.22 -2.01
CAD Y01 C . 9.26 16.43 -3.32
CAT Y01 C . 8.07 16.80 -1.13
CAR Y01 C . 6.74 16.98 -1.85
CBC Y01 C . 6.50 18.40 -2.34
OAW Y01 C . 5.51 18.28 -3.37
CAY Y01 C . 4.22 18.42 -3.10
OAG Y01 C . 3.52 17.51 -2.75
CAM Y01 C . 3.78 19.85 -3.29
CAL Y01 C . 2.39 20.14 -2.75
CAX Y01 C . 1.25 19.99 -3.78
OAH Y01 C . 1.28 20.77 -4.74
OAF Y01 C . 0.40 19.11 -3.57
C01 C14 D . 3.93 -0.29 1.81
C02 C14 D . 5.07 0.56 2.34
C03 C14 D . 6.25 -0.27 2.82
C04 C14 D . 7.36 0.56 3.45
C05 C14 D . 8.57 -0.25 3.86
C06 C14 D . 9.66 0.58 4.52
C07 C14 D . 10.88 -0.23 4.93
C08 C14 D . 11.97 0.61 5.55
C09 C14 D . 13.17 -0.21 6.02
C10 C14 D . 14.30 0.63 6.58
C11 C14 D . 15.45 -0.20 7.14
C12 C14 D . 16.62 0.64 7.60
C13 C14 D . 17.74 -0.18 8.24
C14 C14 D . 18.97 0.66 8.54
CAA Y01 E . -0.97 -2.70 9.37
CBA Y01 E . -0.01 -2.42 8.21
CAB Y01 E . -0.78 -1.97 6.98
CAN Y01 E . 0.86 -3.64 7.88
CAJ Y01 E . 1.77 -3.47 6.68
CAO Y01 E . 2.66 -4.69 6.47
CBB Y01 E . 4.07 -4.40 5.96
CAC Y01 E . 4.09 -3.12 5.12
CBE Y01 E . 5.08 -4.36 7.12
CAP Y01 E . 4.63 -5.20 8.35
CAQ Y01 E . 5.90 -5.75 9.01
CBG Y01 E . 7.03 -5.03 8.31
CBI Y01 E . 6.53 -4.86 6.86
CAE Y01 E . 6.48 -6.19 6.11
CAU Y01 E . 7.47 -3.86 6.19
CAS Y01 E . 8.91 -4.37 6.23
CBF Y01 E . 9.42 -4.70 7.63
CBD Y01 E . 8.45 -5.58 8.41
CAK Y01 E . 8.88 -5.67 9.87
CAI Y01 E . 10.36 -5.83 10.03
CAZ Y01 E . 11.25 -5.66 9.05
CAV Y01 E . 12.71 -5.96 9.29
CBH Y01 E . 10.85 -5.29 7.63
CAD Y01 E . 10.95 -6.55 6.77
CAT Y01 E . 11.83 -4.22 7.11
CAR Y01 E . 13.30 -4.59 7.28
CBC Y01 E . 13.60 -4.85 8.73
OAW Y01 E . 14.98 -5.25 8.81
CAY Y01 E . 15.88 -4.38 9.24
OAG Y01 E . 16.21 -3.39 8.63
CAM Y01 E . 16.44 -4.78 10.58
CAL Y01 E . 17.68 -5.64 10.48
CAX Y01 E . 18.99 -4.95 10.92
OAH Y01 E . 19.08 -3.74 10.60
OAF Y01 E . 19.82 -5.62 11.54
C27 R16 F . 7.09 -0.67 -1.65
C28 R16 F . 8.40 -1.14 -1.04
C29 R16 F . 9.39 0.00 -0.82
C30 R16 F . 10.65 -0.42 -0.08
C31 R16 F . 11.65 0.71 0.10
C32 R16 F . 12.87 0.34 0.92
C33 R16 F . 13.96 1.41 0.87
C34 R16 F . 14.62 1.67 2.21
C35 R16 F . 15.98 0.99 2.36
C36 R16 F . 16.95 1.77 3.23
C37 R16 F . 18.28 1.06 3.44
C38 R16 F . 19.31 1.93 4.13
C39 R16 F . 20.59 1.20 4.51
C40 R16 F . 21.71 2.13 4.93
C41 R16 F . 23.05 1.42 5.11
C42 R16 F . 22.98 0.24 6.07
CAA Y01 G . 6.41 2.79 -6.87
CBA Y01 G . 6.17 2.52 -5.38
CAB Y01 G . 4.74 2.03 -5.16
CAN Y01 G . 6.44 3.76 -4.54
CAJ Y01 G . 6.12 3.60 -3.05
CAO Y01 G . 6.51 4.84 -2.25
CBB Y01 G . 7.07 4.57 -0.85
CAC Y01 G . 6.46 3.30 -0.27
CBE Y01 G . 8.59 4.59 -0.85
CAP Y01 G . 9.21 5.42 -1.99
CAQ Y01 G . 10.53 6.03 -1.47
CBG Y01 G . 10.75 5.32 -0.14
CBI Y01 G . 9.32 5.12 0.42
CAE Y01 G . 8.68 6.44 0.86
CAU Y01 G . 9.47 4.14 1.59
CAS Y01 G . 10.41 4.69 2.65
CBF Y01 G . 11.80 5.05 2.12
CBD Y01 G . 11.73 5.91 0.85
CAK Y01 G . 13.13 6.02 0.24
CAI Y01 G . 14.20 6.24 1.25
CAZ Y01 G . 14.04 6.07 2.56
CAV Y01 G . 15.16 6.41 3.50
CBH Y01 G . 12.72 5.68 3.19
CAD Y01 G . 12.08 6.93 3.82
CAT Y01 G . 12.98 4.63 4.29
CAR Y01 G . 14.06 5.04 5.29
CBC Y01 G . 15.35 5.33 4.57
OAW Y01 G . 16.30 5.75 5.56
CAY Y01 G . 17.24 4.92 5.98
OAG Y01 G . 17.00 3.93 6.63
CAM Y01 G . 18.60 5.35 5.52
CAL Y01 G . 19.31 6.25 6.52
CAX Y01 G . 20.51 5.58 7.22
OAH Y01 G . 20.36 4.38 7.51
OAF Y01 G . 21.52 6.29 7.45
C27 R16 H . 3.34 0.84 6.45
C28 R16 H . 4.65 1.35 7.04
C29 R16 H . 5.50 0.24 7.66
C30 R16 H . 6.87 0.71 8.13
C31 R16 H . 7.68 -0.40 8.78
C32 R16 H . 9.09 0.01 9.16
C33 R16 H . 9.78 -1.02 10.04
C34 R16 H . 11.24 -1.24 9.67
C35 R16 H . 12.22 -0.53 10.60
C36 R16 H . 13.53 -1.27 10.78
C37 R16 H . 14.54 -0.52 11.64
C38 R16 H . 15.76 -1.37 11.98
C39 R16 H . 16.86 -0.58 12.69
C40 R16 H . 17.94 -1.48 13.29
C41 R16 H . 18.93 -0.74 14.17
C42 R16 H . 19.57 0.45 13.47
CAA Y01 I . 10.48 -12.45 18.25
CBA Y01 I . 10.64 -13.64 17.31
CAB Y01 I . 11.45 -14.75 17.98
CAN Y01 I . 11.31 -13.24 15.99
CAJ Y01 I . 11.50 -14.37 14.98
CAO Y01 I . 10.19 -14.97 14.49
CBB Y01 I . 9.67 -14.50 13.12
CAC Y01 I . 10.58 -13.44 12.50
CBE Y01 I . 9.40 -15.68 12.18
CAP Y01 I . 9.44 -17.05 12.91
CAQ Y01 I . 8.49 -18.00 12.16
CBG Y01 I . 8.02 -17.20 10.96
CBI Y01 I . 8.07 -15.72 11.39
CAE Y01 I . 6.91 -15.33 12.32
CAU Y01 I . 8.00 -14.95 10.07
CAS Y01 I . 6.70 -15.23 9.32
CBF Y01 I . 6.41 -16.73 9.07
CBD Y01 I . 6.71 -17.60 10.30
CAK Y01 I . 6.72 -19.06 9.87
CAI Y01 I . 5.53 -19.38 9.03
CAZ Y01 I . 4.66 -18.46 8.59
CAV Y01 I . 3.34 -18.90 8.01
CBH Y01 I . 4.98 -16.98 8.55
CAD Y01 I . 3.94 -16.21 9.39
CAT Y01 I . 4.85 -16.59 7.07
CAR Y01 I . 3.44 -16.81 6.53
CBC Y01 I . 2.96 -18.24 6.68
OAW Y01 I . 1.53 -18.17 6.61
CAY Y01 I . 0.89 -18.34 5.45
OAG Y01 I . 0.67 -17.44 4.68
CAM Y01 I . 0.50 -19.78 5.26
CAL Y01 I . 0.00 -20.10 3.86
CAX Y01 I . -1.52 -19.99 3.66
OAH Y01 I . -2.20 -20.78 4.32
OAF Y01 I . -1.94 -19.13 2.86
#